data_6LAM
#
_entry.id   6LAM
#
_cell.length_a   251.879
_cell.length_b   46.729
_cell.length_c   84.983
_cell.angle_alpha   90.000
_cell.angle_beta   90.801
_cell.angle_gamma   90.000
#
_symmetry.space_group_name_H-M   'C 1 2 1'
#
loop_
_entity.id
_entity.type
_entity.pdbx_description
1 polymer 'MHC class I antigen'
2 polymer Beta-2-microglobulin
3 non-polymer 'ZINC ION'
4 non-polymer 1,2-ETHANEDIOL
5 non-polymer 2-AMINO-2-HYDROXYMETHYL-PROPANE-1,3-DIOL
6 non-polymer '(2R)-2,3-dihydroxypropyl hexadecanoate'
7 non-polymer 'CHLORIDE ION'
8 water water
#
loop_
_entity_poly.entity_id
_entity_poly.type
_entity_poly.pdbx_seq_one_letter_code
_entity_poly.pdbx_strand_id
1 'polypeptide(L)'
;AGSHSMRYFSTTVSRPGRGEPRFIVVGYVDDTQFVRFDSDAASPKMEPRAPWMEQEGPEYWEEQTRRVKDAAQTFRVSLG
NLRGYYNQSEAGSHTLQTMSGCDLGPDGRLLRGYYQQAYDGRDYIALNEDLRSWTAADEAAQNTQRKWEAAGVAEQWRAY
LEGECLESLRRYLENGKETLQRAEPPKTHVTHHPVSDHEATLRCWALGFYPAEITLTWQRDGEDQTQDTELVETRPGGDG
TFQKWGAVVVPSGEEQRYTCHVQHEGLPEPLTLRWEP
;
A,C
2 'polypeptide(L)'
;AIQRTPKIQVYSRHPPENGKPNFLNCYVSGFHPSDIEVDLLKNGEKMGKVEHSDLSFSKDWSFYLLYYTEFTPNEKDEYA
CRVNHVTLSGPRTVKWDRDM
;
B,D
#
loop_
_chem_comp.id
_chem_comp.type
_chem_comp.name
_chem_comp.formula
CL non-polymer 'CHLORIDE ION' 'Cl -1'
EDO non-polymer 1,2-ETHANEDIOL 'C2 H6 O2'
EKG non-polymer '(2R)-2,3-dihydroxypropyl hexadecanoate' 'C19 H38 O4'
TRS non-polymer 2-AMINO-2-HYDROXYMETHYL-PROPANE-1,3-DIOL 'C4 H12 N O3 1'
ZN non-polymer 'ZINC ION' 'Zn 2'
#
# COMPACT_ATOMS: atom_id res chain seq x y z
N ALA A 1 -11.63 -5.96 22.38
CA ALA A 1 -11.77 -4.92 21.38
C ALA A 1 -13.18 -4.90 20.80
N GLY A 2 -14.18 -4.89 21.68
CA GLY A 2 -15.53 -4.73 21.20
C GLY A 2 -15.80 -3.33 20.71
N SER A 3 -15.12 -2.35 21.30
CA SER A 3 -15.28 -0.94 20.97
C SER A 3 -14.08 -0.46 20.17
N HIS A 4 -14.34 0.25 19.08
CA HIS A 4 -13.31 0.92 18.31
C HIS A 4 -13.67 2.38 18.19
N SER A 5 -12.66 3.23 18.00
N SER A 5 -12.66 3.24 18.00
CA SER A 5 -12.88 4.66 18.01
CA SER A 5 -12.89 4.67 18.02
C SER A 5 -12.24 5.34 16.81
C SER A 5 -12.24 5.35 16.83
N MET A 6 -12.83 6.47 16.42
CA MET A 6 -12.20 7.38 15.46
C MET A 6 -12.18 8.76 16.12
N ARG A 7 -11.07 9.47 15.97
CA ARG A 7 -10.93 10.79 16.56
C ARG A 7 -10.22 11.71 15.59
N TYR A 8 -10.68 12.97 15.53
CA TYR A 8 -9.93 14.03 14.89
C TYR A 8 -9.53 15.03 15.96
N PHE A 9 -8.26 15.40 15.96
CA PHE A 9 -7.71 16.34 16.94
C PHE A 9 -7.17 17.54 16.17
N SER A 10 -7.76 18.72 16.39
CA SER A 10 -7.29 19.91 15.70
C SER A 10 -6.73 20.91 16.69
N THR A 11 -5.66 21.60 16.26
CA THR A 11 -4.97 22.60 17.05
C THR A 11 -4.87 23.85 16.18
N THR A 12 -5.42 24.96 16.65
CA THR A 12 -5.36 26.24 15.97
C THR A 12 -4.64 27.22 16.89
N VAL A 13 -3.60 27.87 16.40
CA VAL A 13 -2.76 28.73 17.23
C VAL A 13 -2.65 30.09 16.56
N SER A 14 -3.19 31.13 17.20
CA SER A 14 -3.06 32.45 16.61
C SER A 14 -1.62 32.93 16.76
N ARG A 15 -1.25 33.87 15.90
CA ARG A 15 0.08 34.48 15.90
C ARG A 15 -0.07 35.89 15.39
N PRO A 16 -0.66 36.78 16.19
CA PRO A 16 -1.15 38.06 15.68
C PRO A 16 -0.03 38.88 15.03
N GLY A 17 -0.38 39.55 13.93
CA GLY A 17 0.61 40.25 13.14
C GLY A 17 1.62 39.38 12.43
N ARG A 18 1.55 38.06 12.62
CA ARG A 18 2.50 37.11 12.05
C ARG A 18 1.76 36.10 11.15
N GLY A 19 0.68 36.54 10.51
CA GLY A 19 -0.07 35.70 9.61
C GLY A 19 -1.34 35.16 10.25
N GLU A 20 -2.16 34.50 9.42
CA GLU A 20 -3.37 33.87 9.92
C GLU A 20 -3.00 32.73 10.87
N PRO A 21 -3.90 32.31 11.75
CA PRO A 21 -3.54 31.27 12.72
C PRO A 21 -3.13 29.98 12.04
N ARG A 22 -2.18 29.27 12.65
CA ARG A 22 -1.79 27.97 12.15
C ARG A 22 -2.81 26.92 12.57
N PHE A 23 -3.12 26.01 11.66
CA PHE A 23 -4.14 24.99 11.86
C PHE A 23 -3.54 23.64 11.50
N ILE A 24 -3.59 22.69 12.44
CA ILE A 24 -3.12 21.32 12.23
C ILE A 24 -4.25 20.40 12.65
N VAL A 25 -4.58 19.40 11.81
CA VAL A 25 -5.53 18.35 12.19
C VAL A 25 -4.85 17.01 12.01
N VAL A 26 -5.09 16.09 12.93
CA VAL A 26 -4.70 14.69 12.73
C VAL A 26 -5.89 13.81 13.05
N GLY A 27 -5.98 12.70 12.36
CA GLY A 27 -7.05 11.74 12.57
C GLY A 27 -6.47 10.42 13.02
N TYR A 28 -7.14 9.78 13.96
CA TYR A 28 -6.77 8.47 14.47
C TYR A 28 -7.93 7.50 14.40
N VAL A 29 -7.59 6.26 14.16
CA VAL A 29 -8.52 5.17 14.33
C VAL A 29 -7.83 4.39 15.49
N ASP A 30 -8.48 4.29 16.62
CA ASP A 30 -7.88 3.71 17.82
C ASP A 30 -6.57 4.44 18.10
N ASP A 31 -5.47 3.73 18.19
CA ASP A 31 -4.18 4.35 18.42
C ASP A 31 -3.32 4.46 17.17
N THR A 32 -3.92 4.41 16.00
CA THR A 32 -3.19 4.47 14.74
C THR A 32 -3.58 5.73 13.99
N GLN A 33 -2.61 6.60 13.73
CA GLN A 33 -2.90 7.81 12.97
C GLN A 33 -3.15 7.47 11.52
N PHE A 34 -4.09 8.16 10.87
CA PHE A 34 -4.36 7.84 9.48
C PHE A 34 -4.41 9.04 8.55
N VAL A 35 -4.54 10.27 9.04
CA VAL A 35 -4.58 11.46 8.17
C VAL A 35 -3.97 12.65 8.91
N ARG A 36 -3.58 13.67 8.13
CA ARG A 36 -3.14 14.94 8.67
C ARG A 36 -3.48 16.07 7.71
N PHE A 37 -3.57 17.27 8.26
CA PHE A 37 -3.62 18.52 7.50
C PHE A 37 -2.78 19.53 8.27
N ASP A 38 -1.90 20.24 7.56
CA ASP A 38 -1.11 21.33 8.15
C ASP A 38 -1.26 22.57 7.29
N SER A 39 -1.81 23.64 7.88
CA SER A 39 -2.05 24.87 7.13
C SER A 39 -0.76 25.53 6.66
N ASP A 40 0.38 25.16 7.24
CA ASP A 40 1.66 25.74 6.86
C ASP A 40 2.40 24.91 5.82
N ALA A 41 1.82 23.81 5.37
CA ALA A 41 2.41 22.99 4.33
C ALA A 41 2.38 23.73 2.98
N ALA A 42 3.17 23.20 2.04
CA ALA A 42 3.30 23.85 0.73
C ALA A 42 1.95 23.93 0.02
N SER A 43 1.26 22.80 -0.12
CA SER A 43 -0.08 22.75 -0.70
C SER A 43 -1.01 22.15 0.35
N PRO A 44 -1.56 22.95 1.26
CA PRO A 44 -2.29 22.39 2.40
C PRO A 44 -3.49 21.58 1.95
N LYS A 45 -3.49 20.30 2.32
CA LYS A 45 -4.55 19.39 1.95
C LYS A 45 -4.52 18.25 2.95
N MET A 46 -5.67 17.60 3.10
N MET A 46 -5.67 17.61 3.12
CA MET A 46 -5.70 16.38 3.89
CA MET A 46 -5.69 16.39 3.91
C MET A 46 -4.90 15.29 3.18
C MET A 46 -4.87 15.33 3.17
N GLU A 47 -3.99 14.65 3.91
CA GLU A 47 -3.08 13.66 3.32
C GLU A 47 -3.11 12.37 4.13
N PRO A 48 -2.87 11.24 3.49
CA PRO A 48 -2.81 9.97 4.23
C PRO A 48 -1.56 9.88 5.09
N ARG A 49 -1.72 9.27 6.26
CA ARG A 49 -0.60 8.97 7.15
C ARG A 49 -0.61 7.51 7.59
N ALA A 50 -1.29 6.64 6.83
CA ALA A 50 -1.29 5.20 7.02
C ALA A 50 -1.30 4.60 5.62
N PRO A 51 -0.58 3.50 5.40
CA PRO A 51 -0.57 2.91 4.04
C PRO A 51 -1.94 2.40 3.61
N TRP A 52 -2.79 2.01 4.55
CA TRP A 52 -4.13 1.55 4.19
C TRP A 52 -5.09 2.69 3.87
N MET A 53 -4.63 3.95 3.87
CA MET A 53 -5.44 5.06 3.39
C MET A 53 -5.09 5.45 1.97
N GLU A 54 -4.10 4.80 1.36
CA GLU A 54 -3.62 5.22 0.05
C GLU A 54 -4.47 4.66 -1.08
N GLN A 55 -5.56 3.97 -0.78
CA GLN A 55 -6.46 3.47 -1.80
C GLN A 55 -7.74 4.30 -1.91
N GLU A 56 -7.88 5.35 -1.11
CA GLU A 56 -8.95 6.31 -1.35
C GLU A 56 -8.63 7.14 -2.59
N GLY A 57 -9.67 7.48 -3.36
CA GLY A 57 -9.48 8.28 -4.54
C GLY A 57 -9.40 9.76 -4.23
N PRO A 58 -9.09 10.56 -5.27
CA PRO A 58 -8.88 12.00 -5.04
C PRO A 58 -10.13 12.73 -4.63
N GLU A 59 -11.34 12.25 -4.96
CA GLU A 59 -12.53 12.96 -4.52
C GLU A 59 -12.71 12.88 -3.00
N TYR A 60 -12.35 11.73 -2.40
CA TYR A 60 -12.34 11.66 -0.93
C TYR A 60 -11.43 12.72 -0.34
N TRP A 61 -10.22 12.86 -0.86
CA TRP A 61 -9.29 13.84 -0.28
C TRP A 61 -9.79 15.26 -0.48
N GLU A 62 -10.39 15.53 -1.64
CA GLU A 62 -10.94 16.86 -1.88
C GLU A 62 -12.00 17.23 -0.86
N GLU A 63 -12.91 16.29 -0.56
CA GLU A 63 -13.96 16.55 0.42
C GLU A 63 -13.37 16.76 1.81
N GLN A 64 -12.42 15.91 2.19
CA GLN A 64 -11.79 16.07 3.50
C GLN A 64 -11.06 17.40 3.60
N THR A 65 -10.37 17.81 2.54
CA THR A 65 -9.66 19.08 2.57
C THR A 65 -10.64 20.25 2.68
N ARG A 66 -11.76 20.17 1.98
CA ARG A 66 -12.76 21.24 2.05
C ARG A 66 -13.34 21.35 3.46
N ARG A 67 -13.65 20.21 4.09
CA ARG A 67 -14.20 20.24 5.45
C ARG A 67 -13.21 20.86 6.42
N VAL A 68 -11.94 20.51 6.28
CA VAL A 68 -10.90 21.01 7.18
C VAL A 68 -10.68 22.49 6.98
N LYS A 69 -10.65 22.94 5.72
CA LYS A 69 -10.49 24.37 5.48
C LYS A 69 -11.70 25.16 6.01
N ASP A 70 -12.90 24.60 5.87
CA ASP A 70 -14.10 25.25 6.42
C ASP A 70 -14.01 25.36 7.93
N ALA A 71 -13.65 24.25 8.58
CA ALA A 71 -13.48 24.29 10.04
C ALA A 71 -12.42 25.30 10.45
N ALA A 72 -11.30 25.32 9.73
CA ALA A 72 -10.23 26.24 10.09
C ALA A 72 -10.70 27.69 10.10
N GLN A 73 -11.51 28.07 9.12
CA GLN A 73 -12.01 29.44 9.09
C GLN A 73 -12.92 29.72 10.28
N THR A 74 -13.79 28.78 10.62
CA THR A 74 -14.60 28.92 11.82
C THR A 74 -13.74 29.05 13.08
N PHE A 75 -12.67 28.25 13.18
CA PHE A 75 -11.81 28.34 14.37
C PHE A 75 -11.05 29.66 14.44
N ARG A 76 -10.70 30.24 13.29
CA ARG A 76 -10.05 31.54 13.32
C ARG A 76 -10.99 32.60 13.82
N VAL A 77 -12.26 32.54 13.38
CA VAL A 77 -13.26 33.46 13.89
C VAL A 77 -13.47 33.25 15.39
N SER A 78 -13.48 31.98 15.82
CA SER A 78 -13.67 31.67 17.23
C SER A 78 -12.54 32.22 18.09
N LEU A 79 -11.28 32.10 17.64
CA LEU A 79 -10.18 32.68 18.41
C LEU A 79 -10.36 34.18 18.60
N GLY A 80 -10.81 34.88 17.54
CA GLY A 80 -11.07 36.31 17.68
C GLY A 80 -12.18 36.61 18.68
N ASN A 81 -13.29 35.87 18.60
CA ASN A 81 -14.39 36.05 19.55
C ASN A 81 -13.93 35.78 20.97
N LEU A 82 -13.16 34.72 21.17
CA LEU A 82 -12.71 34.35 22.52
C LEU A 82 -11.79 35.42 23.11
N ARG A 83 -10.86 35.94 22.29
CA ARG A 83 -10.00 37.01 22.80
C ARG A 83 -10.83 38.19 23.28
N GLY A 84 -11.85 38.56 22.51
CA GLY A 84 -12.73 39.64 22.93
C GLY A 84 -13.51 39.32 24.19
N TYR A 85 -14.10 38.11 24.25
CA TYR A 85 -14.84 37.68 25.44
C TYR A 85 -13.99 37.81 26.70
N TYR A 86 -12.73 37.38 26.62
CA TYR A 86 -11.87 37.37 27.80
C TYR A 86 -11.11 38.67 27.97
N ASN A 87 -11.39 39.68 27.13
N ASN A 87 -11.38 39.67 27.11
CA ASN A 87 -10.72 40.99 27.19
CA ASN A 87 -10.72 40.97 27.17
C ASN A 87 -9.21 40.81 27.13
C ASN A 87 -9.21 40.82 27.11
N GLN A 88 -8.75 39.94 26.22
CA GLN A 88 -7.33 39.69 26.09
C GLN A 88 -6.72 40.59 25.03
N SER A 89 -5.41 40.80 25.15
CA SER A 89 -4.69 41.67 24.23
C SER A 89 -4.68 41.09 22.81
N GLU A 90 -4.72 41.98 21.83
CA GLU A 90 -4.64 41.56 20.43
C GLU A 90 -3.27 41.03 20.06
N ALA A 91 -2.26 41.22 20.91
CA ALA A 91 -0.90 40.83 20.57
C ALA A 91 -0.55 39.40 20.93
N GLY A 92 -1.27 38.78 21.86
CA GLY A 92 -0.88 37.48 22.37
C GLY A 92 -1.35 36.33 21.50
N SER A 93 -0.60 35.23 21.56
CA SER A 93 -0.94 34.00 20.87
C SER A 93 -1.80 33.12 21.78
N HIS A 94 -2.85 32.54 21.22
CA HIS A 94 -3.76 31.69 21.98
C HIS A 94 -4.06 30.44 21.15
N THR A 95 -4.55 29.41 21.83
CA THR A 95 -4.74 28.09 21.25
C THR A 95 -6.19 27.66 21.40
N LEU A 96 -6.79 27.20 20.30
CA LEU A 96 -8.09 26.52 20.34
C LEU A 96 -7.85 25.08 19.89
N GLN A 97 -8.19 24.12 20.73
CA GLN A 97 -8.10 22.70 20.38
C GLN A 97 -9.49 22.12 20.31
N THR A 98 -9.72 21.24 19.33
N THR A 98 -9.70 21.24 19.33
CA THR A 98 -11.00 20.58 19.20
CA THR A 98 -11.00 20.60 19.15
C THR A 98 -10.78 19.09 19.04
C THR A 98 -10.80 19.10 19.00
N MET A 99 -11.67 18.31 19.61
N MET A 99 -11.75 18.35 19.55
CA MET A 99 -11.69 16.88 19.40
CA MET A 99 -11.75 16.90 19.46
C MET A 99 -13.10 16.49 18.96
C MET A 99 -13.12 16.45 19.00
N SER A 100 -13.18 15.61 17.98
CA SER A 100 -14.45 15.05 17.56
C SER A 100 -14.26 13.59 17.22
N GLY A 101 -15.35 12.84 17.21
CA GLY A 101 -15.29 11.47 16.73
C GLY A 101 -16.34 10.59 17.37
N CYS A 102 -16.21 9.28 17.15
CA CYS A 102 -17.23 8.33 17.56
C CYS A 102 -16.58 7.06 18.08
N ASP A 103 -17.28 6.40 19.01
CA ASP A 103 -16.96 5.04 19.45
C ASP A 103 -18.01 4.10 18.85
N LEU A 104 -17.54 3.09 18.13
CA LEU A 104 -18.39 2.12 17.44
C LEU A 104 -18.46 0.84 18.26
N GLY A 105 -19.67 0.45 18.65
CA GLY A 105 -19.85 -0.73 19.47
C GLY A 105 -19.76 -2.01 18.66
N PRO A 106 -19.63 -3.13 19.36
CA PRO A 106 -19.43 -4.41 18.66
C PRO A 106 -20.58 -4.80 17.77
N ASP A 107 -21.79 -4.29 18.04
CA ASP A 107 -22.97 -4.54 17.24
C ASP A 107 -23.21 -3.47 16.20
N GLY A 108 -22.26 -2.53 16.02
CA GLY A 108 -22.42 -1.46 15.06
C GLY A 108 -23.11 -0.21 15.57
N ARG A 109 -23.50 -0.15 16.84
CA ARG A 109 -24.18 1.04 17.35
C ARG A 109 -23.19 2.11 17.78
N LEU A 110 -23.67 3.34 17.86
CA LEU A 110 -22.89 4.45 18.41
C LEU A 110 -22.82 4.30 19.92
N LEU A 111 -21.62 4.00 20.44
CA LEU A 111 -21.44 3.95 21.89
C LEU A 111 -21.37 5.36 22.47
N ARG A 112 -20.73 6.28 21.75
CA ARG A 112 -20.53 7.65 22.23
C ARG A 112 -20.03 8.50 21.07
N GLY A 113 -20.61 9.69 20.90
CA GLY A 113 -20.15 10.66 19.93
C GLY A 113 -19.61 11.85 20.70
N TYR A 114 -18.62 12.53 20.13
CA TYR A 114 -17.91 13.59 20.82
C TYR A 114 -17.71 14.83 19.94
N TYR A 115 -17.86 16.00 20.54
CA TYR A 115 -17.38 17.25 19.95
C TYR A 115 -17.09 18.18 21.10
N GLN A 116 -15.81 18.49 21.35
N GLN A 116 -15.82 18.52 21.31
CA GLN A 116 -15.50 19.37 22.47
CA GLN A 116 -15.48 19.35 22.46
C GLN A 116 -14.27 20.19 22.15
C GLN A 116 -14.26 20.20 22.14
N GLN A 117 -14.15 21.32 22.85
CA GLN A 117 -13.11 22.29 22.61
C GLN A 117 -12.43 22.68 23.91
N ALA A 118 -11.16 23.05 23.79
CA ALA A 118 -10.43 23.67 24.87
C ALA A 118 -9.80 24.97 24.39
N TYR A 119 -9.73 25.95 25.28
CA TYR A 119 -9.11 27.22 24.96
C TYR A 119 -7.90 27.40 25.86
N ASP A 120 -6.74 27.63 25.25
CA ASP A 120 -5.48 27.74 26.00
C ASP A 120 -5.32 26.57 26.96
N GLY A 121 -5.67 25.37 26.50
CA GLY A 121 -5.45 24.15 27.25
C GLY A 121 -6.44 23.81 28.34
N ARG A 122 -7.55 24.57 28.46
CA ARG A 122 -8.56 24.28 29.48
C ARG A 122 -9.90 24.00 28.81
N ASP A 123 -10.64 23.04 29.35
CA ASP A 123 -11.97 22.71 28.84
C ASP A 123 -12.79 23.98 28.63
N TYR A 124 -13.44 24.07 27.47
CA TYR A 124 -14.26 25.22 27.11
C TYR A 124 -15.72 24.84 26.90
N ILE A 125 -16.01 23.99 25.91
CA ILE A 125 -17.38 23.54 25.69
C ILE A 125 -17.34 22.09 25.21
N ALA A 126 -18.40 21.34 25.53
CA ALA A 126 -18.46 19.92 25.15
C ALA A 126 -19.88 19.51 24.80
N LEU A 127 -20.02 18.77 23.69
CA LEU A 127 -21.28 18.10 23.37
C LEU A 127 -21.55 17.01 24.39
N ASN A 128 -22.73 17.03 25.01
CA ASN A 128 -23.05 16.00 25.99
C ASN A 128 -23.36 14.68 25.28
N GLU A 129 -23.39 13.61 26.08
CA GLU A 129 -23.58 12.26 25.53
C GLU A 129 -24.89 12.13 24.74
N ASP A 130 -25.91 12.93 25.08
CA ASP A 130 -27.19 12.87 24.36
C ASP A 130 -27.12 13.53 22.99
N LEU A 131 -25.99 14.13 22.63
CA LEU A 131 -25.80 14.77 21.32
C LEU A 131 -26.87 15.83 21.04
N ARG A 132 -27.52 16.33 22.09
CA ARG A 132 -28.52 17.38 21.93
C ARG A 132 -28.37 18.51 22.93
N SER A 133 -27.38 18.44 23.82
CA SER A 133 -27.16 19.45 24.85
C SER A 133 -25.66 19.72 24.96
N TRP A 134 -25.31 20.81 25.66
CA TRP A 134 -23.93 21.23 25.80
C TRP A 134 -23.57 21.50 27.26
N THR A 135 -22.29 21.34 27.59
CA THR A 135 -21.73 21.74 28.87
C THR A 135 -20.72 22.85 28.60
N ALA A 136 -20.91 23.99 29.24
CA ALA A 136 -20.07 25.17 29.07
C ALA A 136 -19.21 25.39 30.31
N ALA A 137 -17.95 25.77 30.12
CA ALA A 137 -17.05 25.89 31.26
C ALA A 137 -17.28 27.16 32.06
N ASP A 138 -17.74 28.23 31.42
CA ASP A 138 -17.81 29.55 32.01
C ASP A 138 -18.79 30.39 31.19
N GLU A 139 -18.89 31.68 31.49
CA GLU A 139 -19.87 32.50 30.77
C GLU A 139 -19.48 32.72 29.32
N ALA A 140 -18.18 32.79 29.02
CA ALA A 140 -17.73 32.85 27.63
C ALA A 140 -18.32 31.69 26.84
N ALA A 141 -18.15 30.47 27.36
CA ALA A 141 -18.66 29.29 26.66
C ALA A 141 -20.18 29.25 26.67
N GLN A 142 -20.83 29.80 27.70
CA GLN A 142 -22.29 29.88 27.69
C GLN A 142 -22.78 30.77 26.56
N ASN A 143 -21.99 31.78 26.20
CA ASN A 143 -22.33 32.60 25.04
C ASN A 143 -22.12 31.82 23.75
N THR A 144 -21.01 31.08 23.64
CA THR A 144 -20.85 30.16 22.52
C THR A 144 -22.02 29.19 22.44
N GLN A 145 -22.41 28.64 23.60
CA GLN A 145 -23.51 27.68 23.65
C GLN A 145 -24.79 28.27 23.08
N ARG A 146 -25.11 29.52 23.42
CA ARG A 146 -26.32 30.11 22.89
C ARG A 146 -26.24 30.30 21.38
N LYS A 147 -25.08 30.74 20.87
CA LYS A 147 -24.95 30.89 19.42
C LYS A 147 -25.08 29.55 18.70
N TRP A 148 -24.59 28.47 19.33
CA TRP A 148 -24.68 27.16 18.73
C TRP A 148 -26.08 26.56 18.84
N GLU A 149 -26.78 26.83 19.94
CA GLU A 149 -28.17 26.43 20.02
C GLU A 149 -29.01 27.14 18.96
N ALA A 150 -28.75 28.43 18.73
CA ALA A 150 -29.49 29.17 17.71
C ALA A 150 -29.28 28.57 16.33
N ALA A 151 -28.08 28.10 16.03
CA ALA A 151 -27.73 27.61 14.71
C ALA A 151 -27.89 26.10 14.57
N GLY A 152 -28.51 25.44 15.55
CA GLY A 152 -28.72 24.00 15.46
C GLY A 152 -27.45 23.18 15.31
N VAL A 153 -26.39 23.56 16.02
CA VAL A 153 -25.10 22.88 15.85
C VAL A 153 -25.16 21.45 16.39
N ALA A 154 -25.88 21.22 17.49
CA ALA A 154 -25.93 19.88 18.06
C ALA A 154 -26.52 18.88 17.06
N GLU A 155 -27.58 19.27 16.36
CA GLU A 155 -28.25 18.36 15.43
C GLU A 155 -27.37 18.08 14.22
N GLN A 156 -26.61 19.07 13.75
CA GLN A 156 -25.65 18.80 12.70
C GLN A 156 -24.60 17.77 13.14
N TRP A 157 -24.12 17.87 14.38
CA TRP A 157 -23.14 16.89 14.84
C TRP A 157 -23.78 15.53 15.12
N ARG A 158 -25.00 15.50 15.65
CA ARG A 158 -25.62 14.21 15.91
C ARG A 158 -25.84 13.44 14.61
N ALA A 159 -26.30 14.12 13.57
CA ALA A 159 -26.46 13.50 12.25
C ALA A 159 -25.15 12.86 11.78
N TYR A 160 -24.04 13.59 11.90
CA TYR A 160 -22.75 13.07 11.47
C TYR A 160 -22.28 11.93 12.35
N LEU A 161 -22.40 12.08 13.67
CA LEU A 161 -21.84 11.11 14.60
C LEU A 161 -22.57 9.77 14.50
N GLU A 162 -23.89 9.82 14.33
CA GLU A 162 -24.69 8.60 14.23
C GLU A 162 -24.64 7.99 12.84
N GLY A 163 -24.16 8.72 11.83
CA GLY A 163 -24.14 8.20 10.48
C GLY A 163 -22.75 8.14 9.87
N GLU A 164 -22.33 9.22 9.19
CA GLU A 164 -21.08 9.17 8.43
C GLU A 164 -19.89 8.83 9.31
N CYS A 165 -19.88 9.30 10.56
CA CYS A 165 -18.75 8.99 11.44
C CYS A 165 -18.58 7.48 11.57
N LEU A 166 -19.67 6.77 11.85
CA LEU A 166 -19.57 5.33 12.04
C LEU A 166 -19.32 4.61 10.72
N GLU A 167 -19.92 5.10 9.62
CA GLU A 167 -19.70 4.45 8.33
C GLU A 167 -18.24 4.58 7.90
N SER A 168 -17.64 5.76 8.11
CA SER A 168 -16.24 5.95 7.77
C SER A 168 -15.35 5.06 8.62
N LEU A 169 -15.59 5.06 9.93
CA LEU A 169 -14.80 4.21 10.84
C LEU A 169 -14.92 2.74 10.45
N ARG A 170 -16.14 2.27 10.13
CA ARG A 170 -16.30 0.90 9.67
C ARG A 170 -15.44 0.62 8.44
N ARG A 171 -15.44 1.54 7.48
CA ARG A 171 -14.67 1.35 6.25
C ARG A 171 -13.18 1.28 6.54
N TYR A 172 -12.68 2.20 7.37
CA TYR A 172 -11.28 2.18 7.76
C TYR A 172 -10.91 0.88 8.46
N LEU A 173 -11.78 0.41 9.36
CA LEU A 173 -11.49 -0.82 10.09
C LEU A 173 -11.39 -2.00 9.15
N GLU A 174 -12.16 -1.99 8.06
CA GLU A 174 -12.04 -3.07 7.08
C GLU A 174 -10.81 -2.89 6.20
N ASN A 175 -10.61 -1.68 5.65
CA ASN A 175 -9.47 -1.44 4.77
C ASN A 175 -8.12 -1.66 5.46
N GLY A 176 -8.01 -1.24 6.72
CA GLY A 176 -6.78 -1.49 7.45
C GLY A 176 -6.89 -2.59 8.47
N LYS A 177 -7.73 -3.60 8.17
CA LYS A 177 -8.05 -4.64 9.15
C LYS A 177 -6.82 -5.29 9.75
N GLU A 178 -5.80 -5.57 8.92
CA GLU A 178 -4.63 -6.30 9.41
C GLU A 178 -3.81 -5.47 10.38
N THR A 179 -3.91 -4.15 10.31
CA THR A 179 -3.26 -3.26 11.26
C THR A 179 -4.15 -2.98 12.46
N LEU A 180 -5.42 -2.66 12.20
CA LEU A 180 -6.30 -2.12 13.23
C LEU A 180 -7.00 -3.19 14.04
N GLN A 181 -7.32 -4.34 13.45
CA GLN A 181 -8.03 -5.37 14.20
C GLN A 181 -7.08 -6.44 14.72
N ARG A 182 -5.95 -5.96 15.18
CA ARG A 182 -4.95 -6.87 15.79
C ARG A 182 -4.80 -6.46 17.25
N ALA A 183 -4.43 -7.42 18.07
CA ALA A 183 -4.11 -7.15 19.48
C ALA A 183 -2.76 -7.81 19.64
N GLU A 184 -1.70 -7.02 19.52
CA GLU A 184 -0.31 -7.50 19.63
C GLU A 184 0.04 -7.45 21.10
N PRO A 185 0.26 -8.59 21.77
CA PRO A 185 0.53 -8.60 23.19
C PRO A 185 1.94 -8.07 23.46
N PRO A 186 2.19 -7.55 24.66
CA PRO A 186 3.50 -7.06 24.97
C PRO A 186 4.48 -8.21 25.20
N LYS A 187 5.71 -7.98 24.79
CA LYS A 187 6.83 -8.88 25.15
C LYS A 187 7.31 -8.28 26.49
N THR A 188 7.39 -9.10 27.51
CA THR A 188 7.66 -8.62 28.84
C THR A 188 8.90 -9.28 29.40
N HIS A 189 9.61 -8.55 30.26
CA HIS A 189 10.71 -9.11 31.03
C HIS A 189 11.02 -8.19 32.20
N VAL A 190 11.74 -8.71 33.18
CA VAL A 190 12.15 -7.96 34.36
C VAL A 190 13.67 -7.90 34.37
N THR A 191 14.22 -6.70 34.59
CA THR A 191 15.65 -6.53 34.77
C THR A 191 15.95 -6.17 36.22
N HIS A 192 17.23 -6.32 36.57
CA HIS A 192 17.71 -6.16 37.94
C HIS A 192 19.05 -5.47 37.88
N HIS A 193 19.17 -4.34 38.57
CA HIS A 193 20.40 -3.52 38.62
C HIS A 193 20.66 -3.13 40.06
N PRO A 194 21.75 -3.57 40.67
CA PRO A 194 22.05 -3.11 42.03
C PRO A 194 22.18 -1.60 42.10
N VAL A 195 21.74 -1.01 43.21
CA VAL A 195 22.02 0.40 43.46
C VAL A 195 23.00 0.61 44.61
N SER A 196 23.14 -0.37 45.49
CA SER A 196 24.16 -0.49 46.51
C SER A 196 24.41 -1.98 46.63
N ASP A 197 25.26 -2.39 47.56
N ASP A 197 25.20 -2.35 47.65
CA ASP A 197 25.35 -3.84 47.68
CA ASP A 197 25.43 -3.75 47.98
C ASP A 197 24.17 -4.43 48.47
C ASP A 197 24.21 -4.43 48.58
N HIS A 198 23.18 -3.61 48.82
N HIS A 198 23.15 -3.69 48.91
CA HIS A 198 22.06 -4.03 49.65
CA HIS A 198 21.99 -4.29 49.56
C HIS A 198 20.70 -3.73 49.04
C HIS A 198 20.67 -3.78 49.02
N GLU A 199 20.66 -3.09 47.87
CA GLU A 199 19.42 -2.70 47.22
C GLU A 199 19.57 -2.85 45.71
N ALA A 200 18.46 -3.06 45.03
CA ALA A 200 18.48 -3.21 43.58
C ALA A 200 17.22 -2.60 42.97
N THR A 201 17.38 -2.10 41.75
CA THR A 201 16.24 -1.63 40.96
C THR A 201 15.70 -2.80 40.15
N LEU A 202 14.42 -3.10 40.32
CA LEU A 202 13.73 -4.07 39.48
C LEU A 202 12.88 -3.30 38.49
N ARG A 203 13.07 -3.55 37.19
CA ARG A 203 12.33 -2.84 36.16
C ARG A 203 11.53 -3.84 35.33
N CYS A 204 10.24 -3.60 35.21
CA CYS A 204 9.35 -4.48 34.46
C CYS A 204 9.06 -3.82 33.11
N TRP A 205 9.37 -4.51 32.02
CA TRP A 205 9.28 -3.99 30.66
C TRP A 205 8.08 -4.58 29.93
N ALA A 206 7.40 -3.76 29.15
CA ALA A 206 6.41 -4.22 28.19
C ALA A 206 6.71 -3.54 26.86
N LEU A 207 6.93 -4.34 25.82
CA LEU A 207 7.44 -3.84 24.54
C LEU A 207 6.61 -4.40 23.39
N GLY A 208 6.49 -3.61 22.33
CA GLY A 208 5.93 -4.09 21.09
C GLY A 208 4.44 -4.33 21.07
N PHE A 209 3.67 -3.64 21.91
CA PHE A 209 2.27 -3.98 22.05
C PHE A 209 1.38 -2.96 21.37
N TYR A 210 0.17 -3.43 21.04
CA TYR A 210 -0.87 -2.63 20.41
C TYR A 210 -2.22 -3.28 20.74
N PRO A 211 -3.22 -2.47 21.11
CA PRO A 211 -3.21 -1.01 21.21
C PRO A 211 -2.46 -0.48 22.43
N ALA A 212 -2.53 0.83 22.66
CA ALA A 212 -1.66 1.45 23.65
C ALA A 212 -2.10 1.17 25.09
N GLU A 213 -3.39 0.89 25.31
CA GLU A 213 -3.87 0.72 26.68
C GLU A 213 -3.19 -0.47 27.36
N ILE A 214 -2.69 -0.24 28.57
CA ILE A 214 -1.99 -1.29 29.30
C ILE A 214 -1.98 -0.90 30.77
N THR A 215 -1.93 -1.90 31.64
CA THR A 215 -1.74 -1.69 33.06
C THR A 215 -0.47 -2.44 33.46
N LEU A 216 0.41 -1.76 34.18
CA LEU A 216 1.70 -2.31 34.62
C LEU A 216 1.90 -1.86 36.06
N THR A 217 1.87 -2.79 37.02
CA THR A 217 1.94 -2.39 38.42
C THR A 217 2.83 -3.34 39.19
N TRP A 218 3.62 -2.77 40.11
CA TRP A 218 4.44 -3.57 41.01
C TRP A 218 3.68 -3.78 42.30
N GLN A 219 3.71 -5.01 42.81
CA GLN A 219 3.10 -5.38 44.07
C GLN A 219 4.19 -5.96 44.98
N ARG A 220 4.09 -5.69 46.27
CA ARG A 220 4.93 -6.34 47.27
C ARG A 220 4.01 -7.20 48.11
N ASP A 221 4.13 -8.52 47.94
CA ASP A 221 3.27 -9.49 48.63
C ASP A 221 1.79 -9.16 48.38
N GLY A 222 1.47 -8.84 47.12
CA GLY A 222 0.12 -8.53 46.74
C GLY A 222 -0.32 -7.10 46.97
N GLU A 223 0.47 -6.28 47.67
CA GLU A 223 0.10 -4.89 47.94
C GLU A 223 0.65 -3.95 46.87
N ASP A 224 -0.23 -3.12 46.30
CA ASP A 224 0.18 -2.18 45.25
C ASP A 224 1.27 -1.23 45.76
N GLN A 225 2.28 -1.01 44.93
CA GLN A 225 3.40 -0.15 45.26
C GLN A 225 3.40 1.13 44.44
N THR A 226 2.22 1.58 44.01
CA THR A 226 2.15 2.71 43.08
C THR A 226 2.89 3.94 43.61
N GLN A 227 2.88 4.14 44.93
CA GLN A 227 3.55 5.29 45.52
C GLN A 227 5.08 5.17 45.47
N ASP A 228 5.62 3.96 45.37
CA ASP A 228 7.07 3.75 45.28
C ASP A 228 7.52 3.24 43.92
N THR A 229 6.68 3.38 42.89
CA THR A 229 6.98 2.89 41.56
C THR A 229 7.24 4.08 40.64
N GLU A 230 8.38 4.06 39.93
CA GLU A 230 8.57 4.97 38.82
C GLU A 230 7.93 4.34 37.59
N LEU A 231 6.90 4.98 37.06
CA LEU A 231 6.14 4.43 35.95
C LEU A 231 6.20 5.46 34.82
N VAL A 232 6.85 5.11 33.70
CA VAL A 232 6.95 6.08 32.62
C VAL A 232 5.66 6.08 31.81
N GLU A 233 5.41 7.19 31.14
N GLU A 233 5.42 7.19 31.12
CA GLU A 233 4.32 7.27 30.18
CA GLU A 233 4.27 7.27 30.21
C GLU A 233 4.48 6.19 29.11
C GLU A 233 4.45 6.30 29.06
N THR A 234 3.35 5.63 28.69
CA THR A 234 3.36 4.75 27.52
C THR A 234 3.86 5.55 26.33
N ARG A 235 4.80 4.98 25.59
CA ARG A 235 5.48 5.73 24.54
C ARG A 235 5.49 4.92 23.25
N PRO A 236 5.52 5.59 22.10
CA PRO A 236 5.45 4.86 20.82
C PRO A 236 6.80 4.27 20.42
N GLY A 237 6.76 3.07 19.84
CA GLY A 237 7.97 2.54 19.25
C GLY A 237 8.35 3.22 17.95
N GLY A 238 7.40 3.86 17.28
CA GLY A 238 7.61 4.41 15.95
C GLY A 238 7.22 3.48 14.83
N ASP A 239 6.92 2.23 15.14
CA ASP A 239 6.56 1.20 14.18
C ASP A 239 5.11 0.74 14.35
N GLY A 240 4.28 1.53 14.99
CA GLY A 240 2.92 1.14 15.25
C GLY A 240 2.71 0.36 16.53
N THR A 241 3.73 0.20 17.37
CA THR A 241 3.59 -0.44 18.66
C THR A 241 3.94 0.55 19.76
N PHE A 242 3.79 0.11 21.00
CA PHE A 242 4.00 0.93 22.17
C PHE A 242 4.90 0.21 23.16
N GLN A 243 5.44 0.98 24.11
CA GLN A 243 6.39 0.51 25.12
C GLN A 243 6.01 1.13 26.46
N LYS A 244 6.33 0.42 27.54
CA LYS A 244 6.17 0.99 28.88
C LYS A 244 7.07 0.23 29.84
N TRP A 245 7.49 0.92 30.91
CA TRP A 245 8.15 0.20 32.00
C TRP A 245 7.80 0.82 33.34
N GLY A 246 7.89 0.00 34.39
CA GLY A 246 7.76 0.49 35.75
C GLY A 246 8.84 -0.13 36.59
N ALA A 247 9.32 0.63 37.58
CA ALA A 247 10.47 0.21 38.36
C ALA A 247 10.29 0.55 39.83
N VAL A 248 10.90 -0.30 40.67
CA VAL A 248 10.92 -0.09 42.11
C VAL A 248 12.32 -0.43 42.61
N VAL A 249 12.74 0.26 43.67
CA VAL A 249 14.04 0.02 44.31
C VAL A 249 13.76 -0.73 45.61
N VAL A 250 14.37 -1.90 45.77
CA VAL A 250 13.94 -2.84 46.81
C VAL A 250 15.14 -3.38 47.58
N PRO A 251 14.98 -3.76 48.84
CA PRO A 251 16.07 -4.44 49.54
C PRO A 251 16.37 -5.77 48.88
N SER A 252 17.67 -6.08 48.75
CA SER A 252 18.08 -7.28 48.02
C SER A 252 17.36 -8.52 48.54
N GLY A 253 17.21 -8.63 49.86
CA GLY A 253 16.60 -9.81 50.44
C GLY A 253 15.10 -9.90 50.29
N GLU A 254 14.46 -8.85 49.79
CA GLU A 254 13.02 -8.83 49.56
C GLU A 254 12.65 -8.98 48.09
N GLU A 255 13.62 -9.20 47.20
CA GLU A 255 13.33 -9.15 45.76
C GLU A 255 12.22 -10.11 45.35
N GLN A 256 12.18 -11.30 45.94
CA GLN A 256 11.16 -12.25 45.52
C GLN A 256 9.78 -11.93 46.11
N ARG A 257 9.68 -10.92 46.98
CA ARG A 257 8.37 -10.44 47.42
C ARG A 257 7.65 -9.65 46.34
N TYR A 258 8.38 -9.19 45.33
CA TYR A 258 7.85 -8.22 44.37
C TYR A 258 7.38 -8.95 43.11
N THR A 259 6.19 -8.58 42.64
CA THR A 259 5.68 -9.10 41.38
C THR A 259 5.17 -7.94 40.56
N CYS A 260 5.34 -8.07 39.25
CA CYS A 260 4.85 -7.10 38.27
C CYS A 260 3.66 -7.71 37.55
N HIS A 261 2.56 -6.96 37.51
CA HIS A 261 1.32 -7.46 36.92
C HIS A 261 1.02 -6.65 35.68
N VAL A 262 0.82 -7.35 34.57
CA VAL A 262 0.64 -6.74 33.26
C VAL A 262 -0.70 -7.20 32.69
N GLN A 263 -1.54 -6.24 32.31
N GLN A 263 -1.56 -6.26 32.34
CA GLN A 263 -2.83 -6.50 31.69
CA GLN A 263 -2.81 -6.57 31.68
C GLN A 263 -2.88 -5.81 30.33
C GLN A 263 -2.89 -5.84 30.35
N HIS A 264 -3.26 -6.57 29.30
CA HIS A 264 -3.35 -6.02 27.94
C HIS A 264 -4.32 -6.87 27.12
N GLU A 265 -5.05 -6.21 26.21
CA GLU A 265 -6.04 -6.89 25.38
C GLU A 265 -5.48 -8.10 24.66
N GLY A 266 -4.23 -8.03 24.22
CA GLY A 266 -3.64 -9.13 23.49
C GLY A 266 -3.17 -10.31 24.33
N LEU A 267 -3.33 -10.23 25.65
CA LEU A 267 -2.89 -11.31 26.52
C LEU A 267 -4.03 -12.24 26.81
N PRO A 268 -3.85 -13.54 26.61
CA PRO A 268 -4.88 -14.50 27.05
C PRO A 268 -5.23 -14.32 28.53
N GLU A 269 -4.23 -14.26 29.39
CA GLU A 269 -4.36 -14.07 30.82
C GLU A 269 -3.49 -12.91 31.26
N PRO A 270 -3.92 -12.16 32.27
CA PRO A 270 -3.01 -11.19 32.90
C PRO A 270 -1.73 -11.89 33.35
N LEU A 271 -0.61 -11.17 33.24
CA LEU A 271 0.70 -11.73 33.52
C LEU A 271 1.14 -11.37 34.93
N THR A 272 1.79 -12.32 35.59
CA THR A 272 2.46 -12.10 36.85
C THR A 272 3.94 -12.42 36.64
N LEU A 273 4.79 -11.42 36.74
CA LEU A 273 6.21 -11.58 36.48
C LEU A 273 7.00 -11.33 37.76
N ARG A 274 8.18 -11.95 37.82
CA ARG A 274 9.08 -11.72 38.94
C ARG A 274 10.50 -11.67 38.40
N TRP A 275 11.39 -11.11 39.21
CA TRP A 275 12.81 -11.12 38.86
C TRP A 275 13.32 -12.56 38.87
N GLU A 276 13.79 -13.03 37.70
CA GLU A 276 14.25 -14.39 37.49
C GLU A 276 15.78 -14.42 37.40
N PRO A 277 16.49 -14.51 38.54
CA PRO A 277 17.95 -14.45 38.51
C PRO A 277 18.55 -15.72 37.94
N ALA B 1 -3.57 31.41 30.42
CA ALA B 1 -3.18 30.21 29.70
C ALA B 1 -2.45 29.23 30.61
N ILE B 2 -2.77 27.95 30.47
CA ILE B 2 -2.12 26.91 31.26
C ILE B 2 -0.78 26.55 30.60
N GLN B 3 0.26 26.40 31.42
CA GLN B 3 1.57 25.99 30.95
C GLN B 3 1.94 24.68 31.62
N ARG B 4 2.31 23.69 30.80
N ARG B 4 2.29 23.68 30.80
CA ARG B 4 2.69 22.37 31.29
CA ARG B 4 2.67 22.36 31.28
C ARG B 4 4.05 22.01 30.73
C ARG B 4 4.04 22.01 30.73
N THR B 5 4.93 21.53 31.61
CA THR B 5 6.31 21.25 31.20
C THR B 5 6.39 19.90 30.49
N PRO B 6 7.21 19.79 29.45
CA PRO B 6 7.31 18.51 28.73
C PRO B 6 8.00 17.45 29.57
N LYS B 7 7.46 16.23 29.48
CA LYS B 7 8.20 15.04 29.84
C LYS B 7 9.01 14.59 28.64
N ILE B 8 10.15 13.97 28.92
CA ILE B 8 11.10 13.62 27.88
C ILE B 8 11.58 12.20 28.11
N GLN B 9 11.47 11.36 27.09
CA GLN B 9 12.02 10.02 27.11
C GLN B 9 12.87 9.84 25.87
N VAL B 10 14.06 9.29 26.03
CA VAL B 10 14.93 8.99 24.91
C VAL B 10 15.26 7.51 24.97
N TYR B 11 15.06 6.81 23.86
CA TYR B 11 15.04 5.35 23.86
C TYR B 11 15.15 4.87 22.40
N SER B 12 15.41 3.58 22.25
CA SER B 12 15.47 3.00 20.93
C SER B 12 14.20 2.21 20.63
N ARG B 13 13.87 2.10 19.34
CA ARG B 13 12.71 1.31 18.95
C ARG B 13 12.86 -0.13 19.41
N HIS B 14 14.02 -0.72 19.18
CA HIS B 14 14.33 -2.10 19.51
C HIS B 14 15.43 -2.13 20.55
N PRO B 15 15.55 -3.22 21.31
CA PRO B 15 16.67 -3.37 22.24
C PRO B 15 17.98 -3.07 21.53
N PRO B 16 18.81 -2.19 22.08
CA PRO B 16 20.02 -1.77 21.36
C PRO B 16 21.07 -2.86 21.38
N GLU B 17 21.65 -3.14 20.22
CA GLU B 17 22.76 -4.08 20.13
C GLU B 17 23.63 -3.66 18.97
N ASN B 18 24.92 -3.52 19.24
CA ASN B 18 25.78 -2.62 18.47
C ASN B 18 26.12 -3.20 17.09
N GLY B 19 26.22 -2.32 16.10
CA GLY B 19 26.34 -2.71 14.72
C GLY B 19 25.04 -3.09 14.04
N LYS B 20 23.93 -3.09 14.79
CA LYS B 20 22.63 -3.42 14.23
C LYS B 20 21.82 -2.14 14.05
N PRO B 21 21.37 -1.83 12.85
CA PRO B 21 20.57 -0.61 12.66
C PRO B 21 19.32 -0.64 13.52
N ASN B 22 18.94 0.55 13.99
CA ASN B 22 17.89 0.71 14.97
C ASN B 22 17.31 2.11 14.77
N PHE B 23 16.43 2.51 15.66
CA PHE B 23 15.82 3.83 15.59
C PHE B 23 15.99 4.53 16.94
N LEU B 24 16.45 5.77 16.90
CA LEU B 24 16.61 6.58 18.11
C LEU B 24 15.38 7.46 18.25
N ASN B 25 14.69 7.36 19.38
CA ASN B 25 13.44 8.07 19.62
C ASN B 25 13.60 9.04 20.77
N CYS B 26 13.01 10.23 20.60
CA CYS B 26 12.79 11.16 21.69
C CYS B 26 11.30 11.50 21.70
N TYR B 27 10.61 11.00 22.71
CA TYR B 27 9.18 11.23 22.90
C TYR B 27 9.01 12.36 23.91
N VAL B 28 8.36 13.45 23.49
CA VAL B 28 8.10 14.57 24.39
C VAL B 28 6.60 14.72 24.52
N SER B 29 6.13 14.79 25.76
CA SER B 29 4.69 14.71 25.99
C SER B 29 4.32 15.57 27.19
N GLY B 30 3.00 15.73 27.37
CA GLY B 30 2.46 16.46 28.50
C GLY B 30 2.69 17.96 28.48
N PHE B 31 3.04 18.55 27.34
CA PHE B 31 3.39 19.97 27.34
C PHE B 31 2.30 20.85 26.75
N HIS B 32 2.37 22.13 27.10
CA HIS B 32 1.45 23.15 26.63
C HIS B 32 2.09 24.50 26.96
N PRO B 33 2.11 25.45 26.00
CA PRO B 33 1.58 25.41 24.64
C PRO B 33 2.41 24.56 23.67
N SER B 34 2.06 24.60 22.39
CA SER B 34 2.52 23.58 21.46
C SER B 34 3.90 23.88 20.87
N ASP B 35 4.33 25.13 20.84
CA ASP B 35 5.65 25.44 20.29
C ASP B 35 6.74 24.81 21.12
N ILE B 36 7.63 24.08 20.46
CA ILE B 36 8.70 23.37 21.16
C ILE B 36 9.84 23.15 20.18
N GLU B 37 11.06 23.05 20.70
CA GLU B 37 12.24 22.75 19.91
C GLU B 37 12.87 21.47 20.44
N VAL B 38 13.12 20.51 19.55
CA VAL B 38 13.67 19.21 19.93
C VAL B 38 14.81 18.84 18.98
N ASP B 39 15.94 18.45 19.55
CA ASP B 39 17.06 17.94 18.77
C ASP B 39 17.50 16.60 19.32
N LEU B 40 17.92 15.72 18.40
CA LEU B 40 18.64 14.51 18.74
C LEU B 40 20.13 14.78 18.58
N LEU B 41 20.92 14.34 19.55
CA LEU B 41 22.35 14.64 19.60
C LEU B 41 23.17 13.36 19.64
N LYS B 42 24.18 13.31 18.79
CA LYS B 42 25.17 12.23 18.75
C LYS B 42 26.46 12.81 19.31
N ASN B 43 26.89 12.36 20.47
CA ASN B 43 28.14 12.85 21.05
C ASN B 43 28.10 14.37 21.23
N GLY B 44 26.96 14.89 21.69
CA GLY B 44 26.79 16.32 21.82
C GLY B 44 26.59 17.10 20.53
N GLU B 45 26.64 16.46 19.36
CA GLU B 45 26.49 17.13 18.08
C GLU B 45 25.05 16.97 17.60
N LYS B 46 24.49 18.03 17.04
CA LYS B 46 23.13 17.99 16.49
C LYS B 46 23.08 16.99 15.32
N MET B 47 22.07 16.13 15.34
CA MET B 47 21.93 15.13 14.27
C MET B 47 21.09 15.66 13.13
N GLY B 48 21.44 15.24 11.91
CA GLY B 48 20.58 15.43 10.78
C GLY B 48 19.70 14.22 10.58
N LYS B 49 18.79 14.33 9.61
CA LYS B 49 17.87 13.26 9.25
C LYS B 49 16.83 12.97 10.33
N VAL B 50 16.54 13.92 11.21
CA VAL B 50 15.60 13.71 12.31
C VAL B 50 14.20 14.12 11.86
N GLU B 51 13.29 13.17 11.85
CA GLU B 51 11.88 13.44 11.55
C GLU B 51 11.06 13.54 12.84
N HIS B 52 9.81 13.97 12.68
CA HIS B 52 8.93 14.06 13.84
C HIS B 52 7.49 13.79 13.41
N SER B 53 6.69 13.37 14.39
CA SER B 53 5.28 13.08 14.17
C SER B 53 4.47 14.36 14.01
N ASP B 54 3.24 14.20 13.53
CA ASP B 54 2.30 15.30 13.43
C ASP B 54 1.79 15.64 14.83
N LEU B 55 1.65 16.94 15.10
CA LEU B 55 1.22 17.40 16.42
C LEU B 55 -0.14 16.81 16.80
N SER B 56 -0.21 16.17 17.96
CA SER B 56 -1.45 15.61 18.46
C SER B 56 -1.50 15.89 19.95
N PHE B 57 -2.56 15.45 20.61
CA PHE B 57 -2.67 15.75 22.03
C PHE B 57 -3.49 14.70 22.75
N SER B 58 -3.33 14.67 24.07
CA SER B 58 -3.92 13.66 24.95
C SER B 58 -5.25 14.15 25.52
N LYS B 59 -5.86 13.32 26.36
CA LYS B 59 -7.21 13.62 26.87
C LYS B 59 -7.23 14.87 27.75
N ASP B 60 -6.10 15.21 28.39
CA ASP B 60 -6.00 16.44 29.18
C ASP B 60 -5.59 17.65 28.34
N TRP B 61 -5.60 17.50 27.01
CA TRP B 61 -5.25 18.49 26.00
C TRP B 61 -3.76 18.79 25.91
N SER B 62 -2.92 18.14 26.71
CA SER B 62 -1.49 18.35 26.56
C SER B 62 -0.97 17.69 25.27
N PHE B 63 0.04 18.30 24.67
CA PHE B 63 0.58 17.87 23.38
C PHE B 63 1.66 16.82 23.52
N TYR B 64 1.83 16.01 22.47
CA TYR B 64 2.95 15.08 22.42
C TYR B 64 3.50 14.98 21.01
N LEU B 65 4.80 14.67 20.91
CA LEU B 65 5.53 14.59 19.66
C LEU B 65 6.57 13.49 19.77
N LEU B 66 6.76 12.74 18.69
CA LEU B 66 7.85 11.79 18.59
C LEU B 66 8.86 12.33 17.59
N TYR B 67 10.10 12.49 18.02
CA TYR B 67 11.22 12.77 17.13
C TYR B 67 12.06 11.50 16.99
N TYR B 68 12.53 11.23 15.77
CA TYR B 68 13.15 9.93 15.56
C TYR B 68 14.09 9.97 14.36
N THR B 69 15.09 9.10 14.41
CA THR B 69 16.07 9.02 13.33
C THR B 69 16.69 7.63 13.31
N GLU B 70 17.06 7.20 12.10
CA GLU B 70 17.85 5.98 11.96
C GLU B 70 19.18 6.14 12.67
N PHE B 71 19.65 5.06 13.32
CA PHE B 71 20.98 5.06 13.91
C PHE B 71 21.43 3.63 14.14
N THR B 72 22.73 3.48 14.40
CA THR B 72 23.36 2.18 14.64
C THR B 72 24.28 2.32 15.84
N PRO B 73 23.88 1.84 17.00
CA PRO B 73 24.68 2.08 18.22
C PRO B 73 25.98 1.31 18.21
N ASN B 74 26.90 1.74 19.06
CA ASN B 74 28.16 1.07 19.28
C ASN B 74 28.72 1.52 20.62
N GLU B 75 29.84 0.92 21.01
CA GLU B 75 30.39 1.19 22.35
C GLU B 75 30.73 2.67 22.52
N LYS B 76 31.40 3.27 21.53
CA LYS B 76 31.95 4.62 21.73
C LYS B 76 30.84 5.64 21.94
N ASP B 77 29.93 5.76 20.97
CA ASP B 77 29.05 6.92 20.88
C ASP B 77 28.11 7.05 22.06
N GLU B 78 27.76 8.30 22.37
CA GLU B 78 26.70 8.66 23.29
C GLU B 78 25.65 9.45 22.53
N TYR B 79 24.37 9.25 22.87
CA TYR B 79 23.29 10.01 22.27
C TYR B 79 22.48 10.70 23.36
N ALA B 80 21.73 11.72 22.95
CA ALA B 80 20.89 12.46 23.87
C ALA B 80 19.81 13.21 23.10
N CYS B 81 18.78 13.64 23.82
CA CYS B 81 17.73 14.50 23.30
C CYS B 81 17.83 15.84 24.00
N ARG B 82 17.65 16.92 23.25
CA ARG B 82 17.69 18.27 23.83
C ARG B 82 16.41 19.00 23.47
N VAL B 83 15.69 19.46 24.48
CA VAL B 83 14.36 20.03 24.32
C VAL B 83 14.36 21.42 24.93
N ASN B 84 13.74 22.37 24.23
CA ASN B 84 13.48 23.69 24.78
C ASN B 84 12.00 24.03 24.68
N HIS B 85 11.48 24.70 25.70
CA HIS B 85 10.05 25.01 25.84
C HIS B 85 9.94 26.17 26.82
N VAL B 86 8.86 26.95 26.69
CA VAL B 86 8.72 28.15 27.53
C VAL B 86 8.59 27.83 29.01
N THR B 87 8.28 26.58 29.37
CA THR B 87 8.21 26.20 30.77
C THR B 87 9.58 25.91 31.38
N LEU B 88 10.65 25.90 30.60
CA LEU B 88 11.96 25.51 31.07
C LEU B 88 12.88 26.73 31.20
N SER B 89 13.86 26.64 32.11
CA SER B 89 14.88 27.68 32.20
C SER B 89 15.58 27.86 30.86
N GLY B 90 16.06 26.77 30.29
CA GLY B 90 16.60 26.79 28.95
C GLY B 90 16.62 25.37 28.44
N PRO B 91 17.29 25.14 27.31
CA PRO B 91 17.32 23.80 26.72
C PRO B 91 17.73 22.73 27.72
N ARG B 92 16.92 21.68 27.79
CA ARG B 92 17.17 20.57 28.69
C ARG B 92 17.71 19.39 27.89
N THR B 93 18.79 18.78 28.37
CA THR B 93 19.40 17.66 27.66
C THR B 93 19.24 16.40 28.49
N VAL B 94 18.66 15.37 27.89
CA VAL B 94 18.48 14.07 28.53
C VAL B 94 19.28 13.05 27.74
N LYS B 95 20.17 12.34 28.42
CA LYS B 95 21.02 11.38 27.75
C LYS B 95 20.28 10.07 27.56
N TRP B 96 20.66 9.35 26.51
CA TRP B 96 20.13 8.01 26.24
C TRP B 96 20.78 7.00 27.19
N ASP B 97 19.97 6.41 28.06
CA ASP B 97 20.43 5.36 28.98
C ASP B 97 20.05 4.02 28.36
N ARG B 98 21.07 3.29 27.88
CA ARG B 98 20.83 2.14 27.01
C ARG B 98 20.86 0.81 27.73
N ASP B 99 20.91 0.79 29.07
CA ASP B 99 20.91 -0.48 29.82
C ASP B 99 19.96 -0.39 31.02
N MET B 100 18.68 -0.26 30.72
CA MET B 100 17.65 -0.33 31.75
C MET B 100 16.95 -1.70 31.69
N ALA C 1 4.88 -27.61 -34.01
CA ALA C 1 5.98 -26.70 -34.29
C ALA C 1 7.29 -27.35 -33.88
N GLY C 2 8.40 -26.93 -34.49
CA GLY C 2 9.68 -27.52 -34.15
C GLY C 2 10.15 -27.15 -32.75
N SER C 3 9.81 -25.96 -32.27
CA SER C 3 10.22 -25.49 -30.96
C SER C 3 8.99 -25.08 -30.14
N HIS C 4 9.09 -25.29 -28.83
CA HIS C 4 8.01 -24.96 -27.92
C HIS C 4 8.59 -24.40 -26.63
N SER C 5 7.76 -23.67 -25.90
CA SER C 5 8.20 -23.06 -24.66
C SER C 5 7.20 -23.34 -23.55
N MET C 6 7.71 -23.39 -22.33
CA MET C 6 6.85 -23.32 -21.15
C MET C 6 7.38 -22.21 -20.26
N ARG C 7 6.48 -21.42 -19.69
CA ARG C 7 6.89 -20.30 -18.84
C ARG C 7 5.97 -20.24 -17.64
N TYR C 8 6.54 -19.90 -16.48
CA TYR C 8 5.76 -19.49 -15.32
C TYR C 8 6.09 -18.03 -15.03
N PHE C 9 5.05 -17.21 -14.83
CA PHE C 9 5.17 -15.79 -14.55
C PHE C 9 4.54 -15.53 -13.20
N SER C 10 5.34 -15.10 -12.22
CA SER C 10 4.82 -14.88 -10.87
C SER C 10 4.96 -13.41 -10.52
N THR C 11 3.97 -12.90 -9.80
CA THR C 11 3.94 -11.50 -9.41
C THR C 11 3.63 -11.46 -7.92
N THR C 12 4.53 -10.84 -7.13
CA THR C 12 4.34 -10.70 -5.69
C THR C 12 4.31 -9.21 -5.36
N VAL C 13 3.29 -8.75 -4.67
CA VAL C 13 3.11 -7.31 -4.44
C VAL C 13 2.85 -7.09 -2.97
N SER C 14 3.73 -6.34 -2.32
CA SER C 14 3.50 -6.11 -0.91
C SER C 14 2.41 -5.05 -0.74
N ARG C 15 1.80 -5.06 0.45
CA ARG C 15 0.73 -4.12 0.78
C ARG C 15 0.85 -3.81 2.26
N PRO C 16 1.79 -2.94 2.62
CA PRO C 16 2.08 -2.70 4.05
C PRO C 16 0.82 -2.32 4.82
N GLY C 17 0.70 -2.89 6.01
CA GLY C 17 -0.44 -2.67 6.87
C GLY C 17 -1.67 -3.45 6.50
N ARG C 18 -1.66 -4.16 5.37
CA ARG C 18 -2.84 -4.83 4.84
C ARG C 18 -2.59 -6.32 4.65
N GLY C 19 -1.69 -6.89 5.46
CA GLY C 19 -1.45 -8.32 5.44
C GLY C 19 -0.28 -8.70 4.57
N GLU C 20 -0.18 -10.00 4.33
CA GLU C 20 0.96 -10.54 3.61
C GLU C 20 0.88 -10.16 2.13
N PRO C 21 2.02 -10.16 1.44
CA PRO C 21 2.00 -9.79 0.00
C PRO C 21 1.11 -10.74 -0.79
N ARG C 22 0.40 -10.17 -1.77
CA ARG C 22 -0.39 -10.97 -2.69
C ARG C 22 0.52 -11.64 -3.70
N PHE C 23 0.23 -12.90 -4.02
CA PHE C 23 1.06 -13.71 -4.90
C PHE C 23 0.16 -14.28 -5.99
N ILE C 24 0.52 -14.07 -7.25
CA ILE C 24 -0.20 -14.63 -8.39
C ILE C 24 0.82 -15.32 -9.28
N VAL C 25 0.51 -16.55 -9.71
N VAL C 25 0.53 -16.55 -9.72
CA VAL C 25 1.32 -17.25 -10.70
CA VAL C 25 1.37 -17.20 -10.72
C VAL C 25 0.42 -17.64 -11.87
C VAL C 25 0.49 -17.74 -11.84
N VAL C 26 0.98 -17.60 -13.07
CA VAL C 26 0.31 -18.17 -14.24
C VAL C 26 1.34 -18.96 -15.03
N GLY C 27 0.89 -20.04 -15.65
CA GLY C 27 1.75 -20.87 -16.47
C GLY C 27 1.24 -20.85 -17.90
N TYR C 28 2.16 -20.82 -18.87
CA TYR C 28 1.86 -20.84 -20.29
C TYR C 28 2.65 -21.94 -20.96
N VAL C 29 2.01 -22.64 -21.89
CA VAL C 29 2.72 -23.40 -22.92
C VAL C 29 2.55 -22.61 -24.21
N ASP C 30 3.67 -22.19 -24.81
CA ASP C 30 3.64 -21.28 -25.95
C ASP C 30 2.77 -20.08 -25.59
N ASP C 31 1.73 -19.78 -26.37
CA ASP C 31 0.85 -18.67 -26.06
C ASP C 31 -0.48 -19.10 -25.43
N THR C 32 -0.51 -20.26 -24.79
CA THR C 32 -1.72 -20.81 -24.20
C THR C 32 -1.56 -20.90 -22.69
N GLN C 33 -2.41 -20.19 -21.93
CA GLN C 33 -2.32 -20.31 -20.48
C GLN C 33 -2.85 -21.68 -20.05
N PHE C 34 -2.19 -22.32 -19.08
CA PHE C 34 -2.69 -23.61 -18.64
C PHE C 34 -2.89 -23.76 -17.13
N VAL C 35 -2.34 -22.90 -16.27
CA VAL C 35 -2.60 -22.97 -14.84
C VAL C 35 -2.58 -21.58 -14.25
N ARG C 36 -3.12 -21.46 -13.04
CA ARG C 36 -3.00 -20.22 -12.27
C ARG C 36 -3.02 -20.55 -10.78
N PHE C 37 -2.49 -19.60 -9.99
CA PHE C 37 -2.61 -19.61 -8.53
C PHE C 37 -2.74 -18.15 -8.10
N ASP C 38 -3.68 -17.89 -7.18
CA ASP C 38 -3.89 -16.55 -6.65
C ASP C 38 -4.07 -16.66 -5.15
N SER C 39 -3.12 -16.09 -4.39
CA SER C 39 -3.13 -16.20 -2.93
C SER C 39 -4.33 -15.51 -2.28
N ASP C 40 -5.03 -14.65 -3.02
CA ASP C 40 -6.22 -14.01 -2.48
C ASP C 40 -7.50 -14.79 -2.77
N ALA C 41 -7.41 -15.95 -3.42
CA ALA C 41 -8.59 -16.76 -3.65
C ALA C 41 -9.11 -17.37 -2.34
N ALA C 42 -10.36 -17.81 -2.37
CA ALA C 42 -11.02 -18.33 -1.17
C ALA C 42 -10.23 -19.48 -0.55
N SER C 43 -9.88 -20.48 -1.35
CA SER C 43 -9.03 -21.58 -0.91
C SER C 43 -7.91 -21.70 -1.93
N PRO C 44 -6.78 -21.02 -1.71
CA PRO C 44 -5.80 -20.86 -2.78
C PRO C 44 -5.16 -22.19 -3.15
N LYS C 45 -5.23 -22.53 -4.43
CA LYS C 45 -4.63 -23.75 -4.93
C LYS C 45 -4.26 -23.53 -6.39
N MET C 46 -3.31 -24.33 -6.87
CA MET C 46 -3.06 -24.32 -8.31
C MET C 46 -4.28 -24.91 -9.01
N GLU C 47 -4.73 -24.26 -10.08
CA GLU C 47 -5.98 -24.56 -10.77
C GLU C 47 -5.74 -24.64 -12.27
N PRO C 48 -6.43 -25.54 -12.96
CA PRO C 48 -6.27 -25.60 -14.43
C PRO C 48 -6.90 -24.39 -15.10
N ARG C 49 -6.28 -23.97 -16.19
CA ARG C 49 -6.84 -22.89 -16.99
C ARG C 49 -6.86 -23.27 -18.46
N ALA C 50 -6.61 -24.53 -18.77
CA ALA C 50 -6.84 -25.08 -20.09
C ALA C 50 -7.55 -26.42 -19.90
N PRO C 51 -8.54 -26.72 -20.74
CA PRO C 51 -9.33 -27.94 -20.50
C PRO C 51 -8.51 -29.22 -20.53
N TRP C 52 -7.43 -29.27 -21.32
CA TRP C 52 -6.64 -30.48 -21.39
C TRP C 52 -5.83 -30.72 -20.11
N MET C 53 -5.76 -29.74 -19.22
CA MET C 53 -5.09 -29.94 -17.96
C MET C 53 -5.96 -30.70 -16.96
N GLU C 54 -7.26 -30.78 -17.18
CA GLU C 54 -8.15 -31.33 -16.19
C GLU C 54 -7.88 -32.81 -15.96
N GLN C 55 -7.23 -33.47 -16.92
CA GLN C 55 -6.95 -34.89 -16.73
C GLN C 55 -5.80 -35.17 -15.77
N GLU C 56 -4.95 -34.19 -15.43
CA GLU C 56 -3.97 -34.43 -14.38
C GLU C 56 -4.68 -34.79 -13.08
N GLY C 57 -4.17 -35.82 -12.39
CA GLY C 57 -4.81 -36.31 -11.18
C GLY C 57 -4.59 -35.39 -10.00
N PRO C 58 -5.33 -35.65 -8.91
CA PRO C 58 -5.24 -34.77 -7.74
C PRO C 58 -3.84 -34.65 -7.17
N GLU C 59 -3.00 -35.69 -7.25
CA GLU C 59 -1.67 -35.54 -6.67
C GLU C 59 -0.83 -34.53 -7.45
N TYR C 60 -1.06 -34.41 -8.76
CA TYR C 60 -0.43 -33.33 -9.52
C TYR C 60 -0.77 -31.97 -8.91
N TRP C 61 -2.06 -31.70 -8.69
CA TRP C 61 -2.47 -30.39 -8.19
C TRP C 61 -1.94 -30.16 -6.77
N GLU C 62 -1.96 -31.19 -5.93
CA GLU C 62 -1.41 -31.03 -4.58
C GLU C 62 0.05 -30.63 -4.63
N GLU C 63 0.84 -31.29 -5.47
CA GLU C 63 2.26 -30.98 -5.53
C GLU C 63 2.50 -29.59 -6.11
N GLN C 64 1.72 -29.19 -7.11
CA GLN C 64 1.93 -27.86 -7.67
C GLN C 64 1.54 -26.79 -6.66
N THR C 65 0.48 -27.05 -5.88
CA THR C 65 0.08 -26.11 -4.84
C THR C 65 1.16 -26.00 -3.76
N ARG C 66 1.75 -27.13 -3.35
CA ARG C 66 2.85 -27.09 -2.39
C ARG C 66 4.01 -26.25 -2.92
N ARG C 67 4.37 -26.46 -4.18
CA ARG C 67 5.50 -25.72 -4.76
C ARG C 67 5.23 -24.23 -4.84
N VAL C 68 4.01 -23.83 -5.24
CA VAL C 68 3.77 -22.39 -5.35
C VAL C 68 3.69 -21.76 -3.97
N LYS C 69 3.12 -22.45 -2.99
CA LYS C 69 3.08 -21.88 -1.63
C LYS C 69 4.48 -21.74 -1.05
N ASP C 70 5.35 -22.72 -1.32
N ASP C 70 5.37 -22.70 -1.35
CA ASP C 70 6.74 -22.61 -0.89
CA ASP C 70 6.74 -22.58 -0.86
C ASP C 70 7.43 -21.42 -1.56
C ASP C 70 7.49 -21.46 -1.58
N ALA C 71 7.25 -21.27 -2.87
CA ALA C 71 7.87 -20.16 -3.56
C ALA C 71 7.32 -18.83 -3.06
N ALA C 72 6.01 -18.78 -2.75
CA ALA C 72 5.42 -17.55 -2.24
C ALA C 72 6.09 -17.12 -0.94
N GLN C 73 6.39 -18.09 -0.07
CA GLN C 73 7.07 -17.78 1.19
C GLN C 73 8.48 -17.26 0.95
N THR C 74 9.22 -17.86 0.02
CA THR C 74 10.53 -17.32 -0.30
C THR C 74 10.43 -15.93 -0.90
N PHE C 75 9.42 -15.67 -1.73
CA PHE C 75 9.30 -14.34 -2.33
C PHE C 75 8.90 -13.29 -1.32
N ARG C 76 8.10 -13.66 -0.31
CA ARG C 76 7.81 -12.70 0.75
C ARG C 76 9.07 -12.36 1.53
N VAL C 77 9.93 -13.35 1.76
CA VAL C 77 11.23 -13.10 2.39
C VAL C 77 12.11 -12.24 1.48
N SER C 78 12.12 -12.53 0.18
CA SER C 78 12.93 -11.73 -0.74
C SER C 78 12.49 -10.28 -0.74
N LEU C 79 11.18 -10.03 -0.73
CA LEU C 79 10.71 -8.64 -0.67
C LEU C 79 11.26 -7.94 0.56
N GLY C 80 11.31 -8.63 1.70
CA GLY C 80 11.92 -8.04 2.88
C GLY C 80 13.40 -7.77 2.69
N ASN C 81 14.15 -8.77 2.22
CA ASN C 81 15.58 -8.60 1.97
C ASN C 81 15.84 -7.43 1.03
N LEU C 82 15.06 -7.34 -0.05
CA LEU C 82 15.31 -6.30 -1.04
C LEU C 82 14.95 -4.92 -0.49
N ARG C 83 13.92 -4.82 0.35
CA ARG C 83 13.63 -3.54 1.01
C ARG C 83 14.84 -3.04 1.77
N GLY C 84 15.57 -3.95 2.43
CA GLY C 84 16.82 -3.63 3.09
C GLY C 84 17.93 -3.23 2.14
N TYR C 85 18.22 -4.06 1.13
CA TYR C 85 19.26 -3.73 0.16
C TYR C 85 19.06 -2.35 -0.45
N TYR C 86 17.81 -1.92 -0.61
CA TYR C 86 17.53 -0.64 -1.24
C TYR C 86 17.25 0.46 -0.22
N ASN C 87 17.38 0.17 1.07
CA ASN C 87 17.16 1.16 2.13
C ASN C 87 15.81 1.86 1.94
N GLN C 88 14.75 1.05 1.80
CA GLN C 88 13.44 1.60 1.51
C GLN C 88 12.54 1.55 2.73
N SER C 89 11.52 2.40 2.69
CA SER C 89 10.54 2.50 3.77
C SER C 89 9.72 1.22 3.88
N GLU C 90 9.25 0.94 5.09
CA GLU C 90 8.29 -0.15 5.26
C GLU C 90 6.87 0.26 4.89
N ALA C 91 6.64 1.52 4.55
CA ALA C 91 5.30 2.01 4.26
C ALA C 91 4.88 1.79 2.81
N GLY C 92 5.82 1.56 1.90
CA GLY C 92 5.52 1.55 0.48
C GLY C 92 5.33 0.13 -0.04
N SER C 93 4.50 0.01 -1.07
CA SER C 93 4.32 -1.27 -1.76
C SER C 93 5.43 -1.47 -2.80
N HIS C 94 5.89 -2.73 -2.93
CA HIS C 94 6.87 -3.06 -3.95
C HIS C 94 6.46 -4.34 -4.63
N THR C 95 7.05 -4.58 -5.80
CA THR C 95 6.66 -5.69 -6.66
C THR C 95 7.89 -6.53 -6.98
N LEU C 96 7.78 -7.84 -6.78
CA LEU C 96 8.81 -8.77 -7.22
C LEU C 96 8.16 -9.66 -8.27
N GLN C 97 8.73 -9.69 -9.47
CA GLN C 97 8.27 -10.58 -10.53
C GLN C 97 9.34 -11.61 -10.83
N THR C 98 8.92 -12.83 -11.08
N THR C 98 8.91 -12.83 -11.14
CA THR C 98 9.84 -13.87 -11.48
CA THR C 98 9.85 -13.91 -11.42
C THR C 98 9.33 -14.53 -12.75
C THR C 98 9.36 -14.65 -12.64
N MET C 99 10.27 -14.96 -13.57
CA MET C 99 9.96 -15.73 -14.76
C MET C 99 10.88 -16.94 -14.78
N SER C 100 10.33 -18.11 -15.08
CA SER C 100 11.18 -19.26 -15.27
C SER C 100 10.58 -20.08 -16.39
N GLY C 101 11.39 -20.95 -16.96
CA GLY C 101 10.83 -21.91 -17.90
C GLY C 101 11.87 -22.36 -18.90
N CYS C 102 11.39 -23.10 -19.89
CA CYS C 102 12.29 -23.79 -20.81
C CYS C 102 11.76 -23.69 -22.23
N ASP C 103 12.69 -23.65 -23.19
CA ASP C 103 12.39 -23.78 -24.60
C ASP C 103 12.87 -25.15 -25.05
N LEU C 104 11.98 -25.94 -25.64
CA LEU C 104 12.31 -27.24 -26.21
C LEU C 104 12.64 -27.07 -27.69
N GLY C 105 13.84 -27.49 -28.10
CA GLY C 105 14.22 -27.36 -29.50
C GLY C 105 13.85 -28.60 -30.30
N PRO C 106 13.97 -28.53 -31.63
CA PRO C 106 13.57 -29.67 -32.47
C PRO C 106 14.45 -30.90 -32.30
N ASP C 107 15.64 -30.76 -31.72
CA ASP C 107 16.44 -31.94 -31.39
C ASP C 107 16.01 -32.60 -30.09
N GLY C 108 14.96 -32.12 -29.44
CA GLY C 108 14.52 -32.71 -28.19
C GLY C 108 15.30 -32.26 -26.98
N ARG C 109 16.17 -31.29 -27.15
CA ARG C 109 16.98 -30.80 -26.09
C ARG C 109 16.60 -29.42 -25.62
N LEU C 110 17.20 -28.99 -24.52
CA LEU C 110 16.89 -27.66 -24.02
C LEU C 110 17.50 -26.59 -24.92
N LEU C 111 16.65 -25.84 -25.61
CA LEU C 111 17.14 -24.73 -26.43
C LEU C 111 17.61 -23.56 -25.55
N ARG C 112 16.91 -23.30 -24.45
CA ARG C 112 17.25 -22.21 -23.53
C ARG C 112 16.44 -22.44 -22.26
N GLY C 113 17.08 -22.22 -21.11
CA GLY C 113 16.38 -22.28 -19.83
C GLY C 113 16.46 -20.91 -19.18
N TYR C 114 15.45 -20.57 -18.38
CA TYR C 114 15.35 -19.21 -17.83
C TYR C 114 15.03 -19.23 -16.34
N TYR C 115 15.65 -18.32 -15.59
CA TYR C 115 15.18 -17.96 -14.26
C TYR C 115 15.63 -16.53 -14.01
N GLN C 116 14.69 -15.61 -13.90
CA GLN C 116 15.06 -14.21 -13.76
C GLN C 116 13.99 -13.45 -13.00
N GLN C 117 14.40 -12.36 -12.38
CA GLN C 117 13.53 -11.59 -11.51
C GLN C 117 13.61 -10.11 -11.83
N ALA C 118 12.53 -9.41 -11.54
CA ALA C 118 12.51 -7.95 -11.61
C ALA C 118 11.97 -7.41 -10.29
N TYR C 119 12.50 -6.26 -9.88
CA TYR C 119 12.02 -5.59 -8.68
C TYR C 119 11.51 -4.23 -9.11
N ASP C 120 10.24 -3.93 -8.80
CA ASP C 120 9.62 -2.67 -9.18
C ASP C 120 9.77 -2.39 -10.68
N GLY C 121 9.56 -3.43 -11.48
CA GLY C 121 9.55 -3.31 -12.93
C GLY C 121 10.91 -3.17 -13.59
N ARG C 122 11.99 -3.35 -12.85
CA ARG C 122 13.33 -3.25 -13.41
C ARG C 122 14.05 -4.57 -13.23
N ASP C 123 14.86 -4.95 -14.23
CA ASP C 123 15.69 -6.13 -14.12
C ASP C 123 16.42 -6.12 -12.77
N TYR C 124 16.44 -7.29 -12.14
CA TYR C 124 17.14 -7.45 -10.87
C TYR C 124 18.24 -8.49 -11.02
N ILE C 125 17.90 -9.75 -11.27
CA ILE C 125 18.90 -10.79 -11.47
C ILE C 125 18.39 -11.80 -12.48
N ALA C 126 19.30 -12.34 -13.29
CA ALA C 126 18.93 -13.31 -14.32
C ALA C 126 19.94 -14.43 -14.40
N LEU C 127 19.45 -15.67 -14.52
CA LEU C 127 20.32 -16.79 -14.82
C LEU C 127 20.81 -16.69 -16.26
N ASN C 128 22.11 -16.86 -16.45
CA ASN C 128 22.67 -16.78 -17.80
C ASN C 128 22.37 -18.05 -18.58
N GLU C 129 22.56 -17.96 -19.89
CA GLU C 129 22.25 -19.08 -20.78
C GLU C 129 23.06 -20.33 -20.42
N ASP C 130 24.27 -20.14 -19.90
CA ASP C 130 25.06 -21.30 -19.52
C ASP C 130 24.48 -22.03 -18.31
N LEU C 131 23.46 -21.46 -17.66
CA LEU C 131 22.79 -22.06 -16.52
C LEU C 131 23.76 -22.33 -15.37
N ARG C 132 24.91 -21.62 -15.37
CA ARG C 132 25.96 -21.77 -14.39
C ARG C 132 26.32 -20.47 -13.70
N SER C 133 25.76 -19.34 -14.13
CA SER C 133 26.25 -18.04 -13.73
C SER C 133 25.09 -17.05 -13.77
N TRP C 134 25.30 -15.89 -13.15
CA TRP C 134 24.24 -14.90 -12.98
C TRP C 134 24.65 -13.54 -13.54
N THR C 135 23.65 -12.81 -14.03
CA THR C 135 23.79 -11.38 -14.30
C THR C 135 23.00 -10.60 -13.26
N ALA C 136 23.70 -9.80 -12.45
CA ALA C 136 23.05 -8.87 -11.52
C ALA C 136 22.93 -7.52 -12.20
N ALA C 137 21.74 -6.93 -12.13
CA ALA C 137 21.50 -5.67 -12.84
C ALA C 137 22.02 -4.45 -12.08
N ASP C 138 22.32 -4.57 -10.79
CA ASP C 138 22.83 -3.43 -10.04
C ASP C 138 23.55 -3.93 -8.80
N GLU C 139 24.08 -2.99 -8.01
CA GLU C 139 24.86 -3.37 -6.84
C GLU C 139 24.03 -4.14 -5.82
N ALA C 140 22.78 -3.70 -5.61
CA ALA C 140 21.93 -4.42 -4.67
C ALA C 140 21.78 -5.89 -5.06
N ALA C 141 21.60 -6.16 -6.35
CA ALA C 141 21.42 -7.53 -6.82
C ALA C 141 22.67 -8.38 -6.65
N GLN C 142 23.85 -7.75 -6.56
CA GLN C 142 25.05 -8.53 -6.29
C GLN C 142 24.99 -9.17 -4.91
N ASN C 143 24.34 -8.52 -3.94
CA ASN C 143 24.06 -9.17 -2.66
C ASN C 143 23.37 -10.51 -2.89
N THR C 144 22.29 -10.50 -3.66
CA THR C 144 21.60 -11.74 -3.97
C THR C 144 22.49 -12.71 -4.72
N GLN C 145 23.24 -12.21 -5.72
CA GLN C 145 24.10 -13.09 -6.51
C GLN C 145 25.08 -13.83 -5.62
N ARG C 146 25.76 -13.12 -4.71
CA ARG C 146 26.70 -13.78 -3.80
C ARG C 146 26.03 -14.88 -3.01
N LYS C 147 24.83 -14.61 -2.48
CA LYS C 147 24.14 -15.61 -1.65
C LYS C 147 23.72 -16.82 -2.49
N TRP C 148 23.24 -16.58 -3.70
CA TRP C 148 22.82 -17.70 -4.55
C TRP C 148 24.02 -18.49 -5.06
N GLU C 149 25.13 -17.81 -5.35
CA GLU C 149 26.34 -18.53 -5.72
C GLU C 149 26.81 -19.44 -4.59
N ALA C 150 26.73 -18.95 -3.34
CA ALA C 150 27.15 -19.76 -2.20
C ALA C 150 26.24 -20.96 -2.00
N ALA C 151 24.95 -20.80 -2.24
CA ALA C 151 23.96 -21.82 -1.95
C ALA C 151 23.71 -22.77 -3.13
N GLY C 152 24.49 -22.67 -4.19
CA GLY C 152 24.34 -23.59 -5.31
C GLY C 152 23.01 -23.50 -6.04
N VAL C 153 22.45 -22.29 -6.11
CA VAL C 153 21.11 -22.12 -6.68
C VAL C 153 21.10 -22.44 -8.17
N ALA C 154 22.16 -22.03 -8.89
CA ALA C 154 22.17 -22.19 -10.34
C ALA C 154 22.09 -23.66 -10.72
N GLU C 155 22.75 -24.53 -9.94
CA GLU C 155 22.74 -25.94 -10.26
C GLU C 155 21.37 -26.56 -10.05
N GLN C 156 20.64 -26.08 -9.03
CA GLN C 156 19.30 -26.59 -8.81
C GLN C 156 18.39 -26.22 -9.97
N TRP C 157 18.51 -24.98 -10.46
CA TRP C 157 17.70 -24.57 -11.60
C TRP C 157 18.11 -25.29 -12.88
N ARG C 158 19.41 -25.47 -13.11
CA ARG C 158 19.85 -26.25 -14.26
C ARG C 158 19.20 -27.63 -14.27
N ALA C 159 19.21 -28.31 -13.13
CA ALA C 159 18.65 -29.66 -13.08
C ALA C 159 17.17 -29.64 -13.39
N TYR C 160 16.45 -28.65 -12.86
CA TYR C 160 15.02 -28.54 -13.17
C TYR C 160 14.81 -28.24 -14.64
N LEU C 161 15.56 -27.27 -15.17
CA LEU C 161 15.27 -26.78 -16.51
C LEU C 161 15.62 -27.80 -17.58
N GLU C 162 16.65 -28.62 -17.36
CA GLU C 162 17.02 -29.66 -18.31
C GLU C 162 16.22 -30.95 -18.12
N GLY C 163 15.58 -31.13 -16.96
CA GLY C 163 14.88 -32.35 -16.66
C GLY C 163 13.38 -32.17 -16.55
N GLU C 164 12.89 -31.93 -15.33
CA GLU C 164 11.45 -31.90 -15.11
C GLU C 164 10.76 -30.83 -15.96
N CYS C 165 11.39 -29.66 -16.15
CA CYS C 165 10.77 -28.62 -16.98
C CYS C 165 10.41 -29.15 -18.34
N LEU C 166 11.39 -29.75 -19.02
CA LEU C 166 11.17 -30.29 -20.35
C LEU C 166 10.23 -31.48 -20.31
N GLU C 167 10.36 -32.34 -19.29
CA GLU C 167 9.47 -33.50 -19.20
C GLU C 167 8.02 -33.07 -19.10
N SER C 168 7.74 -32.05 -18.28
CA SER C 168 6.38 -31.54 -18.13
C SER C 168 5.89 -30.91 -19.43
N LEU C 169 6.73 -30.08 -20.05
CA LEU C 169 6.37 -29.50 -21.35
C LEU C 169 6.01 -30.58 -22.35
N ARG C 170 6.82 -31.63 -22.46
CA ARG C 170 6.52 -32.70 -23.40
C ARG C 170 5.16 -33.33 -23.11
N ARG C 171 4.84 -33.51 -21.82
CA ARG C 171 3.58 -34.14 -21.46
C ARG C 171 2.40 -33.23 -21.79
N TYR C 172 2.51 -31.93 -21.47
CA TYR C 172 1.45 -30.99 -21.83
C TYR C 172 1.25 -30.95 -23.34
N LEU C 173 2.35 -30.94 -24.10
CA LEU C 173 2.23 -30.93 -25.55
C LEU C 173 1.49 -32.15 -26.06
N GLU C 174 1.69 -33.30 -25.42
CA GLU C 174 0.93 -34.47 -25.81
C GLU C 174 -0.53 -34.36 -25.36
N ASN C 175 -0.75 -34.00 -24.10
CA ASN C 175 -2.11 -33.97 -23.59
C ASN C 175 -2.95 -32.90 -24.28
N GLY C 176 -2.34 -31.80 -24.70
CA GLY C 176 -3.08 -30.74 -25.36
C GLY C 176 -2.82 -30.66 -26.85
N LYS C 177 -2.34 -31.74 -27.47
CA LYS C 177 -1.76 -31.62 -28.80
C LYS C 177 -2.77 -31.08 -29.82
N GLU C 178 -4.06 -31.45 -29.67
CA GLU C 178 -5.04 -31.05 -30.69
C GLU C 178 -5.17 -29.55 -30.82
N THR C 179 -4.89 -28.80 -29.76
CA THR C 179 -4.85 -27.36 -29.86
C THR C 179 -3.44 -26.78 -29.81
N LEU C 180 -2.56 -27.32 -28.97
CA LEU C 180 -1.23 -26.73 -28.83
C LEU C 180 -0.38 -26.92 -30.07
N GLN C 181 -0.61 -28.00 -30.83
CA GLN C 181 0.22 -28.29 -32.00
C GLN C 181 -0.43 -27.83 -33.29
N ARG C 182 -1.56 -27.14 -33.20
CA ARG C 182 -2.30 -26.69 -34.38
C ARG C 182 -1.98 -25.21 -34.60
N ALA C 183 -1.19 -24.92 -35.62
CA ALA C 183 -0.99 -23.54 -36.05
C ALA C 183 -2.22 -23.08 -36.82
N GLU C 184 -2.94 -22.11 -36.29
CA GLU C 184 -4.11 -21.58 -36.98
C GLU C 184 -3.71 -20.37 -37.79
N PRO C 185 -3.79 -20.40 -39.13
CA PRO C 185 -3.36 -19.24 -39.91
C PRO C 185 -4.33 -18.09 -39.75
N PRO C 186 -3.86 -16.86 -39.96
CA PRO C 186 -4.77 -15.71 -39.87
C PRO C 186 -5.75 -15.73 -41.03
N LYS C 187 -7.00 -15.39 -40.72
CA LYS C 187 -7.93 -14.92 -41.74
C LYS C 187 -7.64 -13.44 -41.98
N THR C 188 -7.42 -13.06 -43.24
CA THR C 188 -6.94 -11.72 -43.57
C THR C 188 -7.90 -11.02 -44.53
N HIS C 189 -7.92 -9.69 -44.47
CA HIS C 189 -8.66 -8.89 -45.44
C HIS C 189 -8.26 -7.43 -45.24
N VAL C 190 -8.56 -6.61 -46.25
CA VAL C 190 -8.27 -5.18 -46.20
C VAL C 190 -9.57 -4.40 -46.22
N THR C 191 -9.69 -3.41 -45.33
CA THR C 191 -10.81 -2.49 -45.32
C THR C 191 -10.35 -1.12 -45.79
N HIS C 192 -11.33 -0.30 -46.17
CA HIS C 192 -11.06 1.00 -46.80
C HIS C 192 -12.07 2.01 -46.29
N HIS C 193 -11.56 3.15 -45.78
CA HIS C 193 -12.39 4.17 -45.16
C HIS C 193 -11.88 5.53 -45.60
N PRO C 194 -12.58 6.23 -46.50
CA PRO C 194 -12.15 7.60 -46.83
C PRO C 194 -12.03 8.44 -45.57
N VAL C 195 -10.96 9.23 -45.51
CA VAL C 195 -10.84 10.26 -44.48
C VAL C 195 -11.16 11.63 -45.04
N SER C 196 -11.31 11.74 -46.35
CA SER C 196 -11.62 12.98 -47.06
C SER C 196 -11.99 12.60 -48.48
N ASP C 197 -12.23 13.59 -49.33
CA ASP C 197 -12.41 13.32 -50.75
C ASP C 197 -11.16 12.77 -51.42
N HIS C 198 -9.98 12.87 -50.77
CA HIS C 198 -8.71 12.70 -51.43
C HIS C 198 -7.81 11.63 -50.83
N GLU C 199 -8.14 11.13 -49.64
CA GLU C 199 -7.29 10.13 -49.00
C GLU C 199 -8.18 9.09 -48.34
N ALA C 200 -7.59 7.92 -48.09
CA ALA C 200 -8.34 6.89 -47.40
C ALA C 200 -7.39 6.08 -46.51
N THR C 201 -7.97 5.53 -45.44
CA THR C 201 -7.27 4.57 -44.57
C THR C 201 -7.44 3.18 -45.16
N LEU C 202 -6.34 2.51 -45.42
CA LEU C 202 -6.34 1.10 -45.79
C LEU C 202 -5.91 0.33 -44.55
N ARG C 203 -6.77 -0.57 -44.06
CA ARG C 203 -6.46 -1.34 -42.85
C ARG C 203 -6.37 -2.81 -43.24
N CYS C 204 -5.24 -3.42 -42.91
CA CYS C 204 -5.00 -4.83 -43.18
C CYS C 204 -5.23 -5.59 -41.87
N TRP C 205 -6.14 -6.56 -41.91
CA TRP C 205 -6.57 -7.31 -40.74
C TRP C 205 -6.01 -8.72 -40.79
N ALA C 206 -5.55 -9.20 -39.62
CA ALA C 206 -5.25 -10.61 -39.40
C ALA C 206 -6.03 -11.05 -38.17
N LEU C 207 -6.88 -12.07 -38.32
CA LEU C 207 -7.78 -12.46 -37.26
C LEU C 207 -7.70 -13.96 -37.01
N GLY C 208 -7.97 -14.35 -35.77
CA GLY C 208 -8.17 -15.76 -35.45
C GLY C 208 -6.94 -16.64 -35.53
N PHE C 209 -5.74 -16.08 -35.37
CA PHE C 209 -4.54 -16.86 -35.58
C PHE C 209 -3.93 -17.33 -34.27
N TYR C 210 -3.18 -18.43 -34.37
CA TYR C 210 -2.41 -19.00 -33.25
C TYR C 210 -1.17 -19.69 -33.82
N PRO C 211 0.02 -19.49 -33.23
CA PRO C 211 0.39 -18.68 -32.06
C PRO C 211 0.42 -17.18 -32.38
N ALA C 212 0.85 -16.36 -31.41
CA ALA C 212 0.67 -14.92 -31.51
C ALA C 212 1.68 -14.26 -32.46
N GLU C 213 2.85 -14.86 -32.64
N GLU C 213 2.85 -14.86 -32.64
CA GLU C 213 3.87 -14.26 -33.49
CA GLU C 213 3.87 -14.27 -33.50
C GLU C 213 3.36 -14.12 -34.91
C GLU C 213 3.34 -14.13 -34.92
N ILE C 214 3.46 -12.90 -35.46
CA ILE C 214 3.00 -12.61 -36.81
C ILE C 214 3.76 -11.40 -37.29
N THR C 215 3.89 -11.27 -38.61
CA THR C 215 4.44 -10.07 -39.24
C THR C 215 3.40 -9.52 -40.19
N LEU C 216 3.13 -8.22 -40.07
CA LEU C 216 2.13 -7.54 -40.89
C LEU C 216 2.70 -6.17 -41.24
N THR C 217 3.03 -5.99 -42.51
CA THR C 217 3.64 -4.76 -42.99
C THR C 217 2.91 -4.28 -44.25
N TRP C 218 2.76 -2.97 -44.37
CA TRP C 218 2.28 -2.35 -45.60
C TRP C 218 3.47 -1.95 -46.45
N GLN C 219 3.35 -2.13 -47.76
CA GLN C 219 4.42 -1.79 -48.68
C GLN C 219 3.90 -0.93 -49.82
N ARG C 220 4.74 0.00 -50.26
CA ARG C 220 4.47 0.83 -51.43
C ARG C 220 5.66 0.70 -52.37
N ASP C 221 5.40 0.19 -53.57
CA ASP C 221 6.46 -0.07 -54.55
C ASP C 221 7.53 -0.99 -53.98
N GLY C 222 7.08 -2.01 -53.24
CA GLY C 222 7.96 -3.02 -52.70
C GLY C 222 8.89 -2.53 -51.61
N GLU C 223 8.47 -1.56 -50.80
CA GLU C 223 9.31 -1.04 -49.73
C GLU C 223 8.44 -0.72 -48.53
N ASP C 224 8.84 -1.21 -47.37
CA ASP C 224 7.96 -1.21 -46.20
C ASP C 224 7.67 0.21 -45.73
N GLN C 225 6.40 0.48 -45.45
CA GLN C 225 5.94 1.78 -44.95
C GLN C 225 5.76 1.77 -43.44
N THR C 226 6.72 1.21 -42.71
CA THR C 226 6.62 1.15 -41.26
C THR C 226 6.60 2.54 -40.62
N GLN C 227 7.30 3.51 -41.23
CA GLN C 227 7.27 4.88 -40.72
C GLN C 227 5.85 5.44 -40.69
N ASP C 228 5.05 5.14 -41.73
CA ASP C 228 3.73 5.72 -41.90
C ASP C 228 2.61 4.74 -41.57
N THR C 229 2.94 3.54 -41.10
CA THR C 229 1.95 2.53 -40.74
C THR C 229 1.61 2.64 -39.27
N GLU C 230 0.32 2.77 -38.96
CA GLU C 230 -0.15 2.54 -37.61
C GLU C 230 -0.34 1.03 -37.41
N LEU C 231 0.44 0.45 -36.49
CA LEU C 231 0.45 -0.99 -36.27
C LEU C 231 0.11 -1.24 -34.81
N VAL C 232 -1.03 -1.89 -34.56
CA VAL C 232 -1.43 -2.13 -33.17
C VAL C 232 -0.72 -3.36 -32.63
N GLU C 233 -0.50 -3.36 -31.32
CA GLU C 233 -0.01 -4.56 -30.64
C GLU C 233 -0.91 -5.75 -30.93
N THR C 234 -0.31 -6.92 -31.14
CA THR C 234 -1.09 -8.15 -31.24
C THR C 234 -1.91 -8.33 -29.97
N ARG C 235 -3.18 -8.67 -30.14
CA ARG C 235 -4.11 -8.69 -29.02
C ARG C 235 -4.90 -9.98 -29.00
N PRO C 236 -5.33 -10.42 -27.81
CA PRO C 236 -6.09 -11.68 -27.72
C PRO C 236 -7.54 -11.53 -28.18
N GLY C 237 -7.99 -12.54 -28.91
CA GLY C 237 -9.41 -12.65 -29.24
C GLY C 237 -10.26 -12.96 -28.03
N GLY C 238 -9.67 -13.61 -27.02
CA GLY C 238 -10.39 -14.10 -25.87
C GLY C 238 -10.83 -15.54 -26.00
N ASP C 239 -10.66 -16.13 -27.17
CA ASP C 239 -11.03 -17.51 -27.46
C ASP C 239 -9.79 -18.36 -27.73
N GLY C 240 -8.62 -17.89 -27.30
CA GLY C 240 -7.39 -18.59 -27.54
C GLY C 240 -6.66 -18.16 -28.81
N THR C 241 -7.28 -17.32 -29.65
CA THR C 241 -6.65 -16.85 -30.86
C THR C 241 -6.19 -15.41 -30.65
N PHE C 242 -5.52 -14.87 -31.67
CA PHE C 242 -4.98 -13.52 -31.63
C PHE C 242 -5.42 -12.74 -32.86
N GLN C 243 -5.25 -11.41 -32.75
CA GLN C 243 -5.70 -10.44 -33.75
C GLN C 243 -4.65 -9.35 -33.90
N LYS C 244 -4.60 -8.74 -35.08
CA LYS C 244 -3.68 -7.62 -35.29
C LYS C 244 -4.13 -6.86 -36.52
N TRP C 245 -3.82 -5.57 -36.56
CA TRP C 245 -4.01 -4.85 -37.81
C TRP C 245 -2.96 -3.76 -37.99
N GLY C 246 -2.74 -3.40 -39.25
CA GLY C 246 -1.91 -2.25 -39.58
C GLY C 246 -2.61 -1.42 -40.62
N ALA C 247 -2.44 -0.11 -40.52
CA ALA C 247 -3.20 0.82 -41.37
C ALA C 247 -2.28 1.90 -41.91
N VAL C 248 -2.53 2.31 -43.15
CA VAL C 248 -1.86 3.46 -43.74
C VAL C 248 -2.93 4.38 -44.31
N VAL C 249 -2.65 5.68 -44.27
CA VAL C 249 -3.49 6.68 -44.94
C VAL C 249 -2.80 7.07 -46.22
N VAL C 250 -3.51 7.00 -47.35
CA VAL C 250 -2.87 7.08 -48.66
C VAL C 250 -3.73 7.94 -49.57
N PRO C 251 -3.09 8.55 -50.57
CA PRO C 251 -3.85 9.25 -51.61
C PRO C 251 -4.72 8.26 -52.38
N SER C 252 -5.99 8.65 -52.57
CA SER C 252 -6.96 7.85 -53.32
C SER C 252 -6.38 7.23 -54.59
N GLY C 253 -5.65 8.03 -55.37
CA GLY C 253 -5.11 7.60 -56.64
C GLY C 253 -3.90 6.70 -56.58
N GLU C 254 -3.39 6.39 -55.39
CA GLU C 254 -2.21 5.53 -55.26
C GLU C 254 -2.53 4.25 -54.49
N GLU C 255 -3.81 4.02 -54.18
CA GLU C 255 -4.20 2.88 -53.35
C GLU C 255 -3.67 1.56 -53.88
N GLN C 256 -3.73 1.36 -55.20
CA GLN C 256 -3.29 0.09 -55.76
C GLN C 256 -1.78 -0.05 -55.81
N ARG C 257 -1.03 0.97 -55.40
CA ARG C 257 0.41 0.81 -55.21
C ARG C 257 0.74 0.21 -53.85
N TYR C 258 -0.27 -0.11 -53.04
CA TYR C 258 -0.06 -0.56 -51.67
C TYR C 258 -0.46 -2.02 -51.52
N THR C 259 0.44 -2.79 -50.91
CA THR C 259 0.25 -4.21 -50.63
C THR C 259 0.55 -4.47 -49.17
N CYS C 260 -0.25 -5.36 -48.57
CA CYS C 260 -0.05 -5.78 -47.19
C CYS C 260 0.50 -7.19 -47.20
N HIS C 261 1.59 -7.41 -46.48
CA HIS C 261 2.29 -8.68 -46.44
C HIS C 261 2.16 -9.25 -45.04
N VAL C 262 1.74 -10.52 -44.96
CA VAL C 262 1.47 -11.16 -43.68
C VAL C 262 2.26 -12.47 -43.64
N GLN C 263 3.09 -12.62 -42.62
CA GLN C 263 3.80 -13.87 -42.38
C GLN C 263 3.35 -14.45 -41.04
N HIS C 264 3.08 -15.76 -41.03
CA HIS C 264 2.66 -16.46 -39.84
C HIS C 264 3.10 -17.91 -39.99
N GLU C 265 3.60 -18.51 -38.89
CA GLU C 265 4.10 -19.87 -39.00
C GLU C 265 3.02 -20.85 -39.47
N GLY C 266 1.76 -20.46 -39.42
CA GLY C 266 0.66 -21.25 -39.92
C GLY C 266 0.36 -21.08 -41.39
N LEU C 267 1.08 -20.19 -42.07
CA LEU C 267 0.84 -19.96 -43.49
C LEU C 267 1.81 -20.78 -44.32
N PRO C 268 1.33 -21.49 -45.33
CA PRO C 268 2.27 -22.16 -46.26
C PRO C 268 3.27 -21.21 -46.86
N GLU C 269 2.81 -20.05 -47.32
N GLU C 269 2.81 -20.03 -47.27
CA GLU C 269 3.62 -19.00 -47.93
CA GLU C 269 3.66 -19.01 -47.87
C GLU C 269 3.14 -17.67 -47.40
C GLU C 269 3.14 -17.66 -47.45
N PRO C 270 4.01 -16.66 -47.30
CA PRO C 270 3.56 -15.32 -46.93
C PRO C 270 2.46 -14.81 -47.86
N LEU C 271 1.50 -14.10 -47.28
CA LEU C 271 0.37 -13.59 -48.03
C LEU C 271 0.64 -12.18 -48.52
N THR C 272 0.02 -11.84 -49.65
CA THR C 272 0.07 -10.48 -50.20
C THR C 272 -1.35 -10.05 -50.51
N LEU C 273 -1.81 -9.01 -49.84
CA LEU C 273 -3.19 -8.55 -49.94
C LEU C 273 -3.22 -7.12 -50.46
N ARG C 274 -4.41 -6.71 -50.91
CA ARG C 274 -4.62 -5.37 -51.42
C ARG C 274 -6.07 -4.97 -51.22
N TRP C 275 -6.31 -3.67 -51.27
CA TRP C 275 -7.69 -3.18 -51.31
C TRP C 275 -8.30 -3.59 -52.64
N GLU C 276 -9.26 -4.49 -52.58
CA GLU C 276 -9.96 -4.98 -53.77
C GLU C 276 -11.39 -4.49 -53.65
N PRO C 277 -11.70 -3.28 -54.15
CA PRO C 277 -13.06 -2.74 -54.05
C PRO C 277 -14.08 -3.63 -54.76
N ALA D 1 11.49 2.95 -8.76
CA ALA D 1 10.69 2.07 -9.62
C ALA D 1 10.53 2.66 -11.02
N ILE D 2 10.40 1.80 -12.02
CA ILE D 2 10.09 2.23 -13.38
C ILE D 2 8.60 1.98 -13.61
N GLN D 3 7.84 3.06 -13.78
CA GLN D 3 6.43 3.00 -14.10
C GLN D 3 6.23 3.14 -15.61
N ARG D 4 5.21 2.44 -16.12
N ARG D 4 5.22 2.44 -16.13
CA ARG D 4 4.87 2.45 -17.57
CA ARG D 4 4.88 2.45 -17.57
C ARG D 4 3.36 2.72 -17.73
C ARG D 4 3.37 2.71 -17.73
N THR D 5 3.00 3.52 -18.73
CA THR D 5 1.61 3.88 -19.01
C THR D 5 0.90 2.76 -19.78
N PRO D 6 -0.35 2.45 -19.42
CA PRO D 6 -1.07 1.40 -20.16
C PRO D 6 -1.38 1.80 -21.58
N LYS D 7 -1.20 0.84 -22.49
CA LYS D 7 -1.81 0.90 -23.80
C LYS D 7 -3.18 0.25 -23.73
N ILE D 8 -4.13 0.76 -24.52
CA ILE D 8 -5.52 0.36 -24.41
C ILE D 8 -6.07 0.05 -25.81
N GLN D 9 -6.69 -1.11 -25.96
CA GLN D 9 -7.43 -1.45 -27.17
C GLN D 9 -8.81 -1.93 -26.77
N VAL D 10 -9.86 -1.39 -27.41
CA VAL D 10 -11.22 -1.87 -27.21
C VAL D 10 -11.75 -2.39 -28.54
N TYR D 11 -12.32 -3.59 -28.51
CA TYR D 11 -12.63 -4.31 -29.75
C TYR D 11 -13.54 -5.48 -29.42
N SER D 12 -14.12 -6.06 -30.47
CA SER D 12 -14.97 -7.22 -30.32
C SER D 12 -14.21 -8.47 -30.75
N ARG D 13 -14.63 -9.62 -30.21
CA ARG D 13 -13.96 -10.87 -30.54
C ARG D 13 -14.13 -11.20 -32.02
N HIS D 14 -15.36 -11.15 -32.50
CA HIS D 14 -15.72 -11.39 -33.88
C HIS D 14 -16.10 -10.08 -34.55
N PRO D 15 -16.08 -10.01 -35.88
CA PRO D 15 -16.58 -8.80 -36.57
C PRO D 15 -17.98 -8.49 -36.10
N PRO D 16 -18.26 -7.22 -35.79
CA PRO D 16 -19.56 -6.88 -35.19
C PRO D 16 -20.67 -6.85 -36.23
N GLU D 17 -21.81 -7.46 -35.88
CA GLU D 17 -23.01 -7.42 -36.70
C GLU D 17 -24.18 -7.13 -35.78
N ASN D 18 -25.00 -6.16 -36.17
CA ASN D 18 -26.12 -5.75 -35.33
C ASN D 18 -27.02 -6.95 -35.01
N GLY D 19 -27.45 -7.04 -33.75
CA GLY D 19 -28.32 -8.10 -33.30
C GLY D 19 -27.64 -9.43 -33.05
N LYS D 20 -26.28 -9.53 -33.28
CA LYS D 20 -25.71 -10.85 -33.06
C LYS D 20 -24.87 -10.86 -31.79
N PRO D 21 -24.99 -11.91 -30.97
CA PRO D 21 -24.20 -11.96 -29.73
C PRO D 21 -22.72 -12.02 -30.04
N ASN D 22 -21.92 -11.36 -29.20
CA ASN D 22 -20.51 -11.18 -29.44
C ASN D 22 -19.83 -11.04 -28.08
N PHE D 23 -18.54 -10.67 -28.10
CA PHE D 23 -17.82 -10.35 -26.88
C PHE D 23 -17.11 -9.01 -27.05
N LEU D 24 -17.24 -8.15 -26.06
CA LEU D 24 -16.56 -6.86 -26.04
C LEU D 24 -15.30 -6.99 -25.22
N ASN D 25 -14.17 -6.63 -25.81
CA ASN D 25 -12.85 -6.79 -25.21
C ASN D 25 -12.22 -5.43 -24.93
N CYS D 26 -11.57 -5.32 -23.78
CA CYS D 26 -10.67 -4.21 -23.50
C CYS D 26 -9.33 -4.81 -23.08
N TYR D 27 -8.33 -4.67 -23.94
CA TYR D 27 -7.01 -5.21 -23.71
C TYR D 27 -6.10 -4.07 -23.25
N VAL D 28 -5.60 -4.17 -22.03
CA VAL D 28 -4.70 -3.18 -21.46
C VAL D 28 -3.34 -3.82 -21.28
N SER D 29 -2.28 -3.15 -21.72
CA SER D 29 -0.98 -3.76 -21.72
C SER D 29 0.10 -2.72 -21.51
N GLY D 30 1.32 -3.21 -21.25
CA GLY D 30 2.48 -2.35 -21.16
C GLY D 30 2.53 -1.46 -19.93
N PHE D 31 1.78 -1.78 -18.89
CA PHE D 31 1.71 -0.92 -17.72
C PHE D 31 2.49 -1.51 -16.54
N HIS D 32 2.90 -0.63 -15.63
CA HIS D 32 3.61 -0.98 -14.40
C HIS D 32 3.46 0.20 -13.44
N PRO D 33 3.05 -0.05 -12.18
CA PRO D 33 2.81 -1.35 -11.53
C PRO D 33 1.48 -1.98 -11.89
N SER D 34 1.10 -3.06 -11.19
CA SER D 34 0.02 -3.92 -11.67
C SER D 34 -1.37 -3.48 -11.22
N ASP D 35 -1.48 -2.68 -10.14
CA ASP D 35 -2.79 -2.17 -9.75
C ASP D 35 -3.37 -1.31 -10.86
N ILE D 36 -4.60 -1.64 -11.28
CA ILE D 36 -5.24 -0.94 -12.38
C ILE D 36 -6.74 -1.12 -12.25
N GLU D 37 -7.50 -0.12 -12.70
CA GLU D 37 -8.95 -0.18 -12.74
C GLU D 37 -9.40 -0.12 -14.18
N VAL D 38 -10.27 -1.04 -14.58
CA VAL D 38 -10.74 -1.11 -15.96
C VAL D 38 -12.24 -1.34 -15.94
N ASP D 39 -13.00 -0.45 -16.57
CA ASP D 39 -14.43 -0.63 -16.71
C ASP D 39 -14.81 -0.66 -18.18
N LEU D 40 -15.75 -1.52 -18.52
CA LEU D 40 -16.44 -1.50 -19.80
C LEU D 40 -17.71 -0.67 -19.63
N LEU D 41 -17.93 0.28 -20.53
CA LEU D 41 -19.03 1.24 -20.45
C LEU D 41 -20.00 1.01 -21.60
N LYS D 42 -21.29 0.92 -21.26
CA LYS D 42 -22.37 0.91 -22.24
C LYS D 42 -23.15 2.21 -22.11
N ASN D 43 -23.01 3.10 -23.09
CA ASN D 43 -23.63 4.42 -23.06
C ASN D 43 -23.25 5.19 -21.80
N GLY D 44 -21.95 5.14 -21.47
CA GLY D 44 -21.41 5.82 -20.31
C GLY D 44 -21.59 5.09 -19.00
N GLU D 45 -22.33 4.00 -18.97
CA GLU D 45 -22.63 3.28 -17.74
C GLU D 45 -21.78 2.03 -17.62
N LYS D 46 -21.30 1.77 -16.40
CA LYS D 46 -20.52 0.57 -16.15
C LYS D 46 -21.34 -0.68 -16.41
N MET D 47 -20.80 -1.59 -17.22
CA MET D 47 -21.43 -2.87 -17.45
C MET D 47 -21.10 -3.83 -16.33
N GLY D 48 -22.08 -4.63 -15.93
CA GLY D 48 -21.82 -5.74 -15.05
C GLY D 48 -21.35 -6.95 -15.83
N LYS D 49 -21.04 -8.02 -15.09
CA LYS D 49 -20.64 -9.29 -15.67
C LYS D 49 -19.36 -9.17 -16.50
N VAL D 50 -18.46 -8.28 -16.11
CA VAL D 50 -17.18 -8.12 -16.80
C VAL D 50 -16.17 -9.01 -16.10
N GLU D 51 -15.54 -9.90 -16.86
CA GLU D 51 -14.48 -10.73 -16.31
C GLU D 51 -13.13 -10.27 -16.82
N HIS D 52 -12.07 -10.82 -16.24
CA HIS D 52 -10.75 -10.46 -16.74
C HIS D 52 -9.84 -11.68 -16.67
N SER D 53 -8.78 -11.63 -17.46
CA SER D 53 -7.76 -12.67 -17.44
C SER D 53 -6.91 -12.59 -16.19
N ASP D 54 -6.18 -13.67 -15.93
CA ASP D 54 -5.22 -13.72 -14.84
C ASP D 54 -4.02 -12.83 -15.17
N LEU D 55 -3.54 -12.10 -14.17
CA LEU D 55 -2.41 -11.19 -14.36
C LEU D 55 -1.18 -11.90 -14.90
N SER D 56 -0.66 -11.40 -16.02
CA SER D 56 0.55 -11.90 -16.63
C SER D 56 1.39 -10.71 -17.07
N PHE D 57 2.58 -10.99 -17.59
CA PHE D 57 3.43 -9.88 -18.02
C PHE D 57 4.29 -10.29 -19.20
N SER D 58 4.83 -9.28 -19.87
CA SER D 58 5.60 -9.43 -21.10
C SER D 58 7.10 -9.51 -20.80
N LYS D 59 7.89 -9.62 -21.87
CA LYS D 59 9.33 -9.80 -21.66
C LYS D 59 9.97 -8.58 -21.01
N ASP D 60 9.44 -7.39 -21.25
CA ASP D 60 9.97 -6.19 -20.59
C ASP D 60 9.43 -6.00 -19.17
N TRP D 61 8.74 -7.01 -18.63
CA TRP D 61 8.14 -7.06 -17.30
C TRP D 61 6.85 -6.28 -17.17
N SER D 62 6.37 -5.62 -18.22
CA SER D 62 5.12 -4.86 -18.13
C SER D 62 3.94 -5.81 -18.17
N PHE D 63 2.88 -5.45 -17.48
CA PHE D 63 1.71 -6.31 -17.27
C PHE D 63 0.71 -6.17 -18.41
N TYR D 64 -0.12 -7.21 -18.58
CA TYR D 64 -1.26 -7.10 -19.49
C TYR D 64 -2.43 -7.87 -18.92
N LEU D 65 -3.64 -7.38 -19.26
CA LEU D 65 -4.90 -7.98 -18.85
C LEU D 65 -5.92 -7.80 -19.96
N LEU D 66 -6.77 -8.81 -20.14
CA LEU D 66 -7.93 -8.72 -20.99
C LEU D 66 -9.17 -8.65 -20.11
N TYR D 67 -9.95 -7.58 -20.26
CA TYR D 67 -11.28 -7.49 -19.65
C TYR D 67 -12.31 -7.75 -20.74
N TYR D 68 -13.37 -8.48 -20.42
CA TYR D 68 -14.29 -8.89 -21.47
C TYR D 68 -15.68 -9.17 -20.90
N THR D 69 -16.69 -9.03 -21.76
CA THR D 69 -18.05 -9.42 -21.41
C THR D 69 -18.83 -9.69 -22.68
N GLU D 70 -19.89 -10.49 -22.55
CA GLU D 70 -20.81 -10.69 -23.65
C GLU D 70 -21.52 -9.38 -23.97
N PHE D 71 -21.77 -9.14 -25.26
CA PHE D 71 -22.64 -8.06 -25.65
C PHE D 71 -23.22 -8.39 -27.03
N THR D 72 -24.29 -7.68 -27.36
CA THR D 72 -24.90 -7.75 -28.69
C THR D 72 -24.91 -6.34 -29.24
N PRO D 73 -24.03 -6.01 -30.19
CA PRO D 73 -23.99 -4.63 -30.70
C PRO D 73 -25.26 -4.28 -31.45
N ASN D 74 -25.67 -3.03 -31.29
CA ASN D 74 -26.80 -2.46 -32.02
C ASN D 74 -26.50 -1.00 -32.29
N GLU D 75 -27.15 -0.47 -33.34
CA GLU D 75 -26.87 0.90 -33.80
C GLU D 75 -26.95 1.91 -32.66
N LYS D 76 -27.91 1.75 -31.75
CA LYS D 76 -28.21 2.78 -30.76
C LYS D 76 -27.15 2.89 -29.67
N ASP D 77 -26.32 1.86 -29.47
CA ASP D 77 -25.55 1.72 -28.25
C ASP D 77 -24.08 2.09 -28.48
N GLU D 78 -23.53 2.90 -27.58
CA GLU D 78 -22.13 3.31 -27.61
C GLU D 78 -21.38 2.58 -26.51
N TYR D 79 -20.21 2.04 -26.84
CA TYR D 79 -19.38 1.29 -25.90
C TYR D 79 -18.01 1.92 -25.78
N ALA D 80 -17.38 1.72 -24.62
CA ALA D 80 -16.06 2.31 -24.39
C ALA D 80 -15.38 1.54 -23.26
N CYS D 81 -14.09 1.80 -23.11
CA CYS D 81 -13.30 1.26 -22.01
C CYS D 81 -12.70 2.43 -21.25
N ARG D 82 -12.85 2.42 -19.93
CA ARG D 82 -12.25 3.44 -19.08
C ARG D 82 -11.21 2.80 -18.17
N VAL D 83 -10.00 3.33 -18.21
CA VAL D 83 -8.85 2.79 -17.51
C VAL D 83 -8.29 3.85 -16.59
N ASN D 84 -8.00 3.45 -15.34
CA ASN D 84 -7.28 4.33 -14.43
C ASN D 84 -6.05 3.59 -13.93
N HIS D 85 -4.94 4.33 -13.84
CA HIS D 85 -3.66 3.79 -13.44
C HIS D 85 -2.88 4.93 -12.80
N VAL D 86 -1.95 4.60 -11.90
CA VAL D 86 -1.20 5.63 -11.19
C VAL D 86 -0.43 6.52 -12.17
N THR D 87 -0.08 5.99 -13.36
CA THR D 87 0.68 6.78 -14.33
C THR D 87 -0.18 7.79 -15.09
N LEU D 88 -1.50 7.78 -14.91
CA LEU D 88 -2.38 8.64 -15.67
C LEU D 88 -2.76 9.85 -14.84
N SER D 89 -2.91 11.00 -15.49
CA SER D 89 -3.35 12.21 -14.80
C SER D 89 -4.81 12.10 -14.38
N GLY D 90 -5.62 11.35 -15.14
CA GLY D 90 -6.96 10.96 -14.76
C GLY D 90 -7.34 9.75 -15.58
N PRO D 91 -8.53 9.18 -15.37
CA PRO D 91 -8.91 7.99 -16.15
C PRO D 91 -8.95 8.29 -17.63
N ARG D 92 -8.51 7.32 -18.42
CA ARG D 92 -8.54 7.43 -19.87
C ARG D 92 -9.71 6.60 -20.42
N THR D 93 -10.54 7.23 -21.24
CA THR D 93 -11.68 6.57 -21.83
C THR D 93 -11.46 6.44 -23.33
N VAL D 94 -11.51 5.20 -23.83
CA VAL D 94 -11.33 4.90 -25.24
C VAL D 94 -12.65 4.35 -25.77
N LYS D 95 -13.21 5.01 -26.77
CA LYS D 95 -14.47 4.54 -27.33
C LYS D 95 -14.24 3.37 -28.28
N TRP D 96 -15.19 2.44 -28.29
CA TRP D 96 -15.16 1.34 -29.25
C TRP D 96 -15.45 1.88 -30.64
N ASP D 97 -14.47 1.72 -31.54
CA ASP D 97 -14.65 2.03 -32.96
C ASP D 97 -15.02 0.71 -33.63
N ARG D 98 -16.29 0.57 -34.01
CA ARG D 98 -16.78 -0.68 -34.56
C ARG D 98 -16.56 -0.81 -36.06
N ASP D 99 -16.30 0.29 -36.75
CA ASP D 99 -16.11 0.29 -38.19
C ASP D 99 -14.65 0.57 -38.51
N MET D 100 -13.81 -0.44 -38.26
CA MET D 100 -12.43 -0.40 -38.71
C MET D 100 -12.26 -1.37 -39.88
ZN ZN E . -13.19 17.35 -7.72
ZN ZN E . -14.12 16.93 -7.15
ZN ZN F . 19.61 -8.12 43.89
C1 EDO G . 14.86 3.67 27.63
O1 EDO G . 15.19 2.36 27.18
C2 EDO G . 13.93 3.54 28.83
O2 EDO G . 13.50 4.84 29.28
C1 EDO H . -16.43 22.04 28.84
O1 EDO H . -15.91 20.71 28.72
C2 EDO H . -17.21 22.22 30.13
O2 EDO H . -16.37 22.27 31.29
C1 EDO I . -4.49 7.54 20.07
O1 EDO I . -3.13 7.63 20.49
C2 EDO I . -5.12 8.92 19.95
O2 EDO I . -5.69 9.28 21.21
C1 EDO J . 1.68 12.62 3.52
O1 EDO J . 0.83 11.74 2.77
C2 EDO J . 3.05 11.98 3.74
O2 EDO J . 2.97 10.94 4.73
C1 EDO K . -12.31 28.12 30.82
O1 EDO K . -11.06 28.18 31.50
C2 EDO K . -12.07 27.91 29.32
O2 EDO K . -11.43 29.05 28.75
C1 EDO L . -19.68 24.24 14.74
O1 EDO L . -19.50 22.83 14.53
C2 EDO L . -18.79 24.65 15.90
O2 EDO L . -17.45 24.89 15.46
C1 EDO M . -15.71 11.18 8.23
O1 EDO M . -15.24 11.98 9.33
C2 EDO M . -14.52 10.85 7.33
O2 EDO M . -13.57 10.08 8.08
C TRS N . -8.54 31.88 29.56
C1 TRS N . -7.58 31.94 28.38
C2 TRS N . -7.97 32.59 30.80
C3 TRS N . -8.93 30.43 29.90
N TRS N . -9.76 32.61 29.21
O1 TRS N . -6.26 32.30 28.70
O2 TRS N . -8.47 32.01 31.98
O3 TRS N . -8.62 29.47 28.90
C19 EKG O . -11.81 17.81 15.95
C8 EKG O . -11.75 16.82 9.71
C7 EKG O . -13.13 16.18 9.73
C15 EKG O . -12.05 18.02 14.46
C9 EKG O . -11.55 17.71 10.92
C6 EKG O . -13.50 15.75 11.13
C21 EKG O . -19.80 18.35 11.24
C14 EKG O . -13.53 18.40 14.28
C10 EKG O . -12.25 19.07 10.76
C5 EKG O . -15.01 15.59 11.22
C13 EKG O . -13.77 19.29 13.05
C11 EKG O . -11.66 20.02 11.80
C4 EKG O . -15.60 16.98 11.01
C12 EKG O . -12.68 20.33 12.91
C3 EKG O . -16.44 16.97 9.75
C2 EKG O . -17.78 16.35 10.10
C24 EKG O . -21.23 20.28 11.93
C22 EKG O . -21.16 18.76 11.80
O19 EKG O . -18.72 17.52 8.30
C1 EKG O . -18.86 17.18 9.43
O20 EKG O . -20.02 17.51 10.14
O23 EKG O . -22.16 18.32 10.93
O25 EKG O . -21.58 20.86 10.70
C1 EDO P . 14.17 -0.75 23.54
O1 EDO P . 14.26 -2.07 24.09
C2 EDO P . 13.42 0.17 24.50
O2 EDO P . 13.93 1.49 24.34
C1 EDO Q . -8.92 15.67 24.07
O1 EDO Q . -8.90 14.28 23.72
C2 EDO Q . -10.12 15.95 24.99
O2 EDO Q . -10.07 15.06 26.13
C1 EDO R . 16.64 22.23 20.87
O1 EDO R . 17.96 21.69 20.71
C2 EDO R . 16.73 23.74 21.11
O2 EDO R . 17.35 23.97 22.38
ZN ZN S . 5.31 -28.67 -32.31
ZN ZN T . -11.21 18.53 -52.31
ZN ZN U . 28.25 1.65 -5.05
ZN ZN V . -15.20 3.38 -42.22
C1 EDO W . 10.56 -31.26 -30.64
O1 EDO W . 10.30 -30.88 -32.00
C2 EDO W . 11.12 -32.67 -30.55
O2 EDO W . 10.12 -33.64 -30.91
C1 EDO X . 4.68 -16.84 -22.85
O1 EDO X . 5.97 -16.83 -23.47
C2 EDO X . 3.90 -15.56 -23.14
O2 EDO X . 2.93 -15.79 -24.19
C1 EDO Y . 2.49 -23.20 -31.68
O1 EDO Y . 3.89 -23.23 -32.00
C2 EDO Y . 1.68 -23.97 -32.73
O2 EDO Y . 1.97 -25.37 -32.60
C1 EDO Z . -8.95 -30.36 -10.55
O1 EDO Z . -8.08 -29.49 -9.83
C2 EDO Z . -8.74 -30.19 -12.04
O2 EDO Z . -8.86 -31.45 -12.72
C1 EDO AA . 8.99 -29.28 -37.32
O1 EDO AA . 9.68 -29.31 -38.59
C2 EDO AA . 9.66 -30.24 -36.35
O2 EDO AA . 11.08 -30.07 -36.41
C1 EDO BA . -12.88 17.57 -54.50
O1 EDO BA . -13.22 18.00 -53.21
C2 EDO BA . -11.96 18.49 -55.21
O2 EDO BA . -10.75 18.73 -54.52
C1 EDO CA . -8.75 -19.42 -19.32
O1 EDO CA . -9.52 -19.48 -20.54
C2 EDO CA . -7.28 -19.35 -19.72
O2 EDO CA . -7.09 -18.29 -20.68
C1 EDO DA . 14.14 -1.38 -8.21
O1 EDO DA . 15.01 -0.60 -7.38
C2 EDO DA . 14.90 -2.02 -9.37
O2 EDO DA . 15.92 -2.92 -8.92
C1 EDO EA . 6.97 -28.59 -13.76
O1 EDO EA . 7.14 -27.17 -13.58
C2 EDO EA . 5.46 -28.84 -13.89
O2 EDO EA . 4.88 -28.04 -14.93
C1 EDO FA . -11.10 -21.94 -13.21
O1 EDO FA . -10.80 -21.83 -14.59
C2 EDO FA . -9.92 -22.62 -12.53
O2 EDO FA . -9.86 -24.01 -12.90
C TRS GA . 6.63 -21.48 -30.51
C1 TRS GA . 7.68 -21.54 -31.62
C2 TRS GA . 5.55 -20.48 -30.92
C3 TRS GA . 7.29 -21.06 -29.18
N TRS GA . 5.99 -22.79 -30.36
O1 TRS GA . 7.08 -22.09 -32.78
O2 TRS GA . 4.53 -20.44 -29.94
O3 TRS GA . 8.42 -21.86 -28.88
C19 EKG HA . 7.95 -17.91 -12.14
C19 EKG HA . 8.17 -18.06 -12.10
C8 EKG HA . 5.66 -22.20 -9.05
C8 EKG HA . 6.43 -23.22 -10.39
C7 EKG HA . 5.42 -23.12 -10.22
C7 EKG HA . 7.79 -22.71 -10.80
C15 EKG HA . 9.18 -18.77 -11.95
C15 EKG HA . 9.32 -18.78 -11.46
C9 EKG HA . 5.92 -20.77 -9.45
C9 EKG HA . 5.66 -22.29 -9.50
C6 EKG HA . 6.68 -23.69 -10.83
C6 EKG HA . 8.75 -23.79 -11.24
C21 EKG HA . 13.43 -24.87 -8.96
C21 EKG HA . 15.38 -25.01 -7.55
C14 EKG HA . 8.93 -19.97 -11.06
C14 EKG HA . 8.92 -20.04 -10.73
C10 EKG HA . 6.33 -19.87 -8.30
C10 EKG HA . 6.01 -20.83 -9.67
C5 EKG HA . 7.87 -22.76 -10.77
C5 EKG HA . 9.89 -24.04 -10.28
C13 EKG HA . 9.71 -19.95 -9.76
C13 EKG HA . 8.92 -19.92 -9.22
C11 EKG HA . 7.65 -19.18 -8.50
C11 EKG HA . 6.53 -20.17 -8.42
C4 EKG HA . 9.19 -23.41 -11.13
C4 EKG HA . 9.86 -25.40 -9.62
C12 EKG HA . 8.85 -20.09 -8.54
C12 EKG HA . 7.70 -19.24 -8.65
C3 EKG HA . 9.52 -24.64 -10.29
C3 EKG HA . 11.18 -26.15 -9.70
C2 EKG HA . 10.94 -24.65 -9.84
C2 EKG HA . 11.97 -26.07 -8.43
C24 EKG HA . 15.21 -23.98 -7.39
C24 EKG HA . 15.38 -23.57 -5.45
C22 EKG HA . 14.58 -25.20 -8.02
C22 EKG HA . 15.91 -24.82 -6.14
O19 EKG HA . 10.65 -26.85 -8.91
O19 EKG HA . 13.86 -25.28 -9.69
C1 EKG HA . 11.38 -25.98 -9.29
C1 EKG HA . 13.36 -25.54 -8.62
O20 EKG HA . 12.71 -26.08 -9.25
O20 EKG HA . 13.99 -25.40 -7.47
O23 EKG HA . 14.10 -26.10 -7.01
O23 EKG HA . 15.62 -25.97 -5.37
O25 EKG HA . 15.85 -24.31 -6.16
O25 EKG HA . 16.44 -22.72 -5.02
CL CL IA . -9.33 -2.21 -33.45
CL CL IA . -10.93 -2.84 -33.87
C1 EDO JA . 9.77 -11.43 -18.27
O1 EDO JA . 9.26 -12.57 -18.96
C2 EDO JA . 11.29 -11.37 -18.37
O2 EDO JA . 11.64 -10.98 -19.70
C1 EDO KA . 1.02 -1.88 -5.93
O1 EDO KA . 2.26 -1.24 -6.19
C2 EDO KA . 0.58 -2.59 -7.20
O2 EDO KA . 0.36 -1.58 -8.18
C1 EDO LA . -3.89 -7.57 -9.33
O1 EDO LA . -3.90 -6.80 -10.54
C2 EDO LA . -2.62 -7.27 -8.52
O2 EDO LA . -2.24 -5.92 -8.76
C1 EDO MA . -9.13 -15.37 -19.66
O1 EDO MA . -7.74 -15.59 -19.97
C2 EDO MA . -9.93 -15.49 -20.95
O2 EDO MA . -9.22 -14.79 -21.98
C1 EDO NA . -11.18 1.62 -30.61
O1 EDO NA . -11.86 0.43 -31.07
C2 EDO NA . -9.65 1.46 -30.53
O2 EDO NA . -9.22 0.50 -29.55
C1 EDO OA . -4.27 -12.15 -21.99
O1 EDO OA . -3.70 -12.40 -23.30
C2 EDO OA . -5.05 -13.40 -21.58
O2 EDO OA . -6.02 -13.68 -22.59
#